data_6ARP
#
_entry.id   6ARP
#
_cell.length_a   64.060
_cell.length_b   83.070
_cell.length_c   211.600
_cell.angle_alpha   90.00
_cell.angle_beta   90.00
_cell.angle_gamma   90.00
#
_symmetry.space_group_name_H-M   'P 21 21 21'
#
loop_
_entity.id
_entity.type
_entity.pdbx_description
1 polymer 'Cetuximab mutant light chain,Uncharacterized protein'
2 polymer 'Cetuximab mutant Fab heavy chain,Immunoglobulin gamma-1 heavy chain'
3 non-polymer 'SULFATE ION'
4 non-polymer GLYCEROL
5 water water
#
loop_
_entity_poly.entity_id
_entity_poly.type
_entity_poly.pdbx_seq_one_letter_code
_entity_poly.pdbx_strand_id
1 'polypeptide(L)'
;DILLTQSPVILSVSPGERVSFSCRASQSIGTNIHWYQQRTNGSPRLLIKYADESIDGIPSRFSGSGSGTDFTLSINSVES
EDIADYYCQQNNNWPTTFGAGTKLELKRTVAAPSVFIFPPSDEQLKSGTASVVCLLNNFYPREAKVQWKVDNALQSGNSQ
ESVTEQDSKDSTYSLSSTLTLSKADYEKHKVYACEVTHQGLSSPVTKSFNRGEC
;
C,A
2 'polypeptide(L)'
;QVQLKQSGPGLVQPSQSLSITCTVSGFDLTDYGVHWVRQSPGKGLEWLGVIWSGGNTDYNTPFTSRLSINKDNSKSQVFF
KMNSLQSNDTAIYYCARALTYYDYEFAYWGQGTLVTVSAASTKGPSVFPLAPSSKSTSGGTAALGCLVKDYFPEPVTVSW
NSGALTSGVHTFPAVLQSSGLYSLSSVVTVPSSSLGTQTYICNVNHKPSNTKVDKKVEPKSC
;
D,B
#
# COMPACT_ATOMS: atom_id res chain seq x y z
N ASP A 1 28.18 0.36 15.95
CA ASP A 1 27.68 -0.69 15.03
C ASP A 1 27.09 -0.06 13.79
N ILE A 2 27.10 -0.79 12.68
CA ILE A 2 26.52 -0.30 11.43
C ILE A 2 24.99 -0.45 11.50
N LEU A 3 24.28 0.64 11.18
CA LEU A 3 22.84 0.63 11.09
C LEU A 3 22.44 0.43 9.62
N LEU A 4 21.53 -0.52 9.37
CA LEU A 4 21.01 -0.75 8.02
C LEU A 4 19.57 -0.30 8.00
N THR A 5 19.23 0.55 7.04
CA THR A 5 17.88 1.08 6.91
C THR A 5 17.29 0.55 5.63
N GLN A 6 16.21 -0.24 5.77
CA GLN A 6 15.53 -0.83 4.63
C GLN A 6 14.31 -0.01 4.24
N SER A 7 14.10 0.14 2.94
CA SER A 7 12.96 0.90 2.43
C SER A 7 12.41 0.26 1.17
N PRO A 8 11.09 0.35 0.96
CA PRO A 8 10.10 0.87 1.89
C PRO A 8 9.85 -0.14 3.02
N VAL A 9 9.06 0.25 4.00
CA VAL A 9 8.66 -0.69 5.06
C VAL A 9 7.77 -1.80 4.50
N ILE A 10 6.81 -1.42 3.64
CA ILE A 10 5.92 -2.35 3.00
C ILE A 10 5.88 -2.02 1.50
N LEU A 11 6.07 -3.05 0.68
CA LEU A 11 6.10 -2.93 -0.77
C LEU A 11 4.92 -3.73 -1.29
N SER A 12 3.99 -3.06 -1.98
CA SER A 12 2.81 -3.74 -2.52
C SER A 12 2.87 -3.73 -4.05
N VAL A 13 2.92 -4.91 -4.67
CA VAL A 13 3.08 -5.04 -6.13
C VAL A 13 2.22 -6.13 -6.74
N SER A 14 2.05 -6.12 -8.06
CA SER A 14 1.26 -7.16 -8.74
C SER A 14 2.16 -8.26 -9.30
N PRO A 15 1.62 -9.48 -9.50
CA PRO A 15 2.42 -10.54 -10.12
C PRO A 15 2.95 -10.16 -11.49
N GLY A 16 4.16 -10.62 -11.79
CA GLY A 16 4.83 -10.30 -13.03
C GLY A 16 5.60 -9.00 -13.04
N GLU A 17 5.36 -8.10 -12.08
CA GLU A 17 6.13 -6.84 -12.01
C GLU A 17 7.56 -7.06 -11.52
N ARG A 18 8.43 -6.10 -11.91
CA ARG A 18 9.80 -5.99 -11.36
C ARG A 18 9.68 -5.29 -10.02
N VAL A 19 10.33 -5.82 -8.99
CA VAL A 19 10.31 -5.21 -7.67
C VAL A 19 11.74 -5.00 -7.15
N SER A 20 11.96 -3.94 -6.38
CA SER A 20 13.27 -3.62 -5.79
C SER A 20 13.14 -3.29 -4.31
N PHE A 21 14.08 -3.80 -3.53
CA PHE A 21 14.17 -3.54 -2.09
C PHE A 21 15.45 -2.75 -1.89
N SER A 22 15.38 -1.68 -1.11
CA SER A 22 16.55 -0.90 -0.79
CA SER A 22 16.54 -0.90 -0.78
C SER A 22 17.07 -1.21 0.62
N CYS A 23 18.39 -1.28 0.74
CA CYS A 23 19.05 -1.36 2.04
C CYS A 23 20.17 -0.34 2.05
N ARG A 24 20.14 0.60 3.00
CA ARG A 24 21.16 1.63 3.07
C ARG A 24 21.94 1.56 4.38
N ALA A 25 23.26 1.55 4.28
CA ALA A 25 24.14 1.41 5.43
C ALA A 25 24.59 2.78 5.94
N SER A 26 24.80 2.89 7.25
CA SER A 26 25.16 4.14 7.90
C SER A 26 26.58 4.61 7.59
N GLN A 27 27.42 3.69 7.13
CA GLN A 27 28.71 4.03 6.52
C GLN A 27 29.06 2.95 5.49
N SER A 28 30.11 3.18 4.72
N SER A 28 30.11 3.18 4.72
CA SER A 28 30.44 2.28 3.63
CA SER A 28 30.44 2.28 3.63
C SER A 28 30.79 0.89 4.16
C SER A 28 30.80 0.89 4.15
N ILE A 29 30.28 -0.14 3.48
CA ILE A 29 30.53 -1.52 3.83
C ILE A 29 31.00 -2.31 2.62
N GLY A 30 31.47 -1.62 1.58
CA GLY A 30 31.95 -2.27 0.35
C GLY A 30 30.83 -3.02 -0.32
N THR A 31 31.01 -4.32 -0.49
CA THR A 31 29.96 -5.17 -1.02
C THR A 31 29.57 -6.25 -0.02
N ASN A 32 29.82 -5.99 1.26
CA ASN A 32 29.68 -7.01 2.32
C ASN A 32 28.23 -6.96 2.87
N ILE A 33 27.31 -7.30 1.96
CA ILE A 33 25.87 -7.37 2.26
CA ILE A 33 25.88 -7.38 2.26
C ILE A 33 25.33 -8.71 1.80
N HIS A 34 24.47 -9.33 2.60
CA HIS A 34 23.80 -10.56 2.24
C HIS A 34 22.29 -10.30 2.43
N TRP A 35 21.49 -11.01 1.66
CA TRP A 35 20.03 -10.86 1.71
C TRP A 35 19.33 -12.17 2.02
N TYR A 36 18.23 -12.06 2.78
CA TYR A 36 17.43 -13.20 3.20
C TYR A 36 15.95 -12.96 2.91
N GLN A 37 15.26 -14.05 2.62
CA GLN A 37 13.79 -14.10 2.59
C GLN A 37 13.31 -14.84 3.84
N GLN A 38 12.24 -14.35 4.46
CA GLN A 38 11.62 -15.09 5.56
C GLN A 38 10.12 -15.11 5.35
N ARG A 39 9.63 -16.29 5.05
CA ARG A 39 8.20 -16.54 4.88
C ARG A 39 7.54 -16.68 6.22
N THR A 40 6.22 -16.56 6.22
CA THR A 40 5.47 -16.66 7.45
C THR A 40 5.77 -17.95 8.20
N ASN A 41 6.09 -17.80 9.49
CA ASN A 41 6.50 -18.92 10.37
C ASN A 41 7.70 -19.76 9.88
N GLY A 42 8.56 -19.14 9.07
CA GLY A 42 9.70 -19.86 8.52
C GLY A 42 11.00 -19.28 9.07
N SER A 43 12.07 -20.01 8.82
CA SER A 43 13.43 -19.53 9.08
C SER A 43 13.90 -18.66 7.92
N PRO A 44 14.86 -17.75 8.18
CA PRO A 44 15.42 -16.98 7.07
C PRO A 44 16.07 -17.89 6.02
N ARG A 45 16.04 -17.44 4.77
CA ARG A 45 16.56 -18.20 3.66
C ARG A 45 17.53 -17.28 2.92
N LEU A 46 18.80 -17.68 2.82
CA LEU A 46 19.81 -16.86 2.13
C LEU A 46 19.56 -16.81 0.63
N LEU A 47 19.42 -15.60 0.09
CA LEU A 47 19.11 -15.37 -1.32
C LEU A 47 20.30 -14.97 -2.16
N ILE A 48 21.09 -14.05 -1.61
CA ILE A 48 22.21 -13.40 -2.33
C ILE A 48 23.27 -13.14 -1.26
N LYS A 49 24.54 -13.40 -1.62
CA LYS A 49 25.65 -13.06 -0.73
C LYS A 49 26.59 -12.07 -1.41
N TYR A 50 27.26 -11.28 -0.59
CA TYR A 50 28.24 -10.31 -1.07
C TYR A 50 27.68 -9.44 -2.21
N ALA A 51 26.52 -8.86 -1.92
CA ALA A 51 25.81 -7.91 -2.76
C ALA A 51 25.18 -8.45 -4.03
N ASP A 52 25.87 -9.33 -4.77
CA ASP A 52 25.38 -9.79 -6.05
C ASP A 52 25.64 -11.25 -6.41
N GLU A 53 26.14 -12.05 -5.48
CA GLU A 53 26.51 -13.41 -5.79
C GLU A 53 25.38 -14.38 -5.52
N SER A 54 25.22 -15.30 -6.47
CA SER A 54 24.11 -16.25 -6.41
CA SER A 54 24.14 -16.28 -6.44
C SER A 54 24.35 -17.37 -5.38
N ILE A 55 23.23 -17.94 -4.95
CA ILE A 55 23.18 -19.01 -3.99
C ILE A 55 22.50 -20.19 -4.69
N ASP A 56 23.07 -21.38 -4.53
CA ASP A 56 22.50 -22.60 -5.09
C ASP A 56 21.07 -22.81 -4.60
N GLY A 57 20.17 -23.12 -5.53
CA GLY A 57 18.78 -23.41 -5.22
C GLY A 57 17.85 -22.21 -5.24
N ILE A 58 18.39 -21.01 -5.44
CA ILE A 58 17.60 -19.81 -5.42
C ILE A 58 17.19 -19.47 -6.86
N PRO A 59 15.89 -19.24 -7.10
CA PRO A 59 15.47 -18.91 -8.46
C PRO A 59 16.18 -17.72 -9.08
N SER A 60 16.37 -17.78 -10.40
CA SER A 60 17.10 -16.76 -11.15
C SER A 60 16.46 -15.37 -11.08
N ARG A 61 15.16 -15.29 -10.78
CA ARG A 61 14.50 -13.98 -10.69
C ARG A 61 15.08 -13.07 -9.60
N PHE A 62 15.77 -13.66 -8.61
CA PHE A 62 16.39 -12.90 -7.53
C PHE A 62 17.80 -12.46 -7.96
N SER A 63 18.11 -11.19 -7.76
CA SER A 63 19.46 -10.70 -8.00
C SER A 63 19.69 -9.53 -7.08
N GLY A 64 20.97 -9.19 -6.91
CA GLY A 64 21.34 -8.08 -6.06
C GLY A 64 22.37 -7.19 -6.75
N SER A 65 22.41 -5.93 -6.32
CA SER A 65 23.37 -4.97 -6.81
C SER A 65 23.72 -3.97 -5.72
N GLY A 66 24.80 -3.23 -5.97
CA GLY A 66 25.20 -2.11 -5.14
C GLY A 66 26.60 -2.28 -4.53
N SER A 67 27.12 -1.15 -4.09
CA SER A 67 28.43 -1.07 -3.46
CA SER A 67 28.44 -1.08 -3.45
C SER A 67 28.51 0.23 -2.66
N GLY A 68 29.13 0.18 -1.49
CA GLY A 68 29.30 1.37 -0.64
C GLY A 68 28.25 1.41 0.45
N THR A 69 27.24 2.24 0.28
CA THR A 69 26.15 2.35 1.27
C THR A 69 24.77 1.98 0.74
N ASP A 70 24.56 1.93 -0.57
CA ASP A 70 23.22 1.78 -1.16
C ASP A 70 23.12 0.45 -1.91
N PHE A 71 22.26 -0.46 -1.43
CA PHE A 71 22.14 -1.80 -1.98
C PHE A 71 20.72 -2.09 -2.41
N THR A 72 20.58 -2.96 -3.40
CA THR A 72 19.29 -3.28 -3.96
C THR A 72 19.13 -4.75 -4.19
N LEU A 73 18.04 -5.33 -3.68
CA LEU A 73 17.61 -6.68 -4.04
C LEU A 73 16.51 -6.55 -5.05
N SER A 74 16.58 -7.30 -6.14
CA SER A 74 15.59 -7.23 -7.19
C SER A 74 14.95 -8.57 -7.43
N ILE A 75 13.64 -8.54 -7.68
CA ILE A 75 12.92 -9.70 -8.19
C ILE A 75 12.39 -9.26 -9.56
N ASN A 76 12.84 -9.90 -10.62
CA ASN A 76 12.58 -9.30 -11.95
C ASN A 76 11.14 -9.46 -12.43
N SER A 77 10.50 -10.57 -12.02
CA SER A 77 9.08 -10.85 -12.31
C SER A 77 8.54 -11.58 -11.06
N VAL A 78 7.83 -10.84 -10.23
N VAL A 78 7.82 -10.83 -10.22
N VAL A 78 7.83 -10.84 -10.22
CA VAL A 78 7.43 -11.36 -8.91
CA VAL A 78 7.40 -11.33 -8.91
CA VAL A 78 7.42 -11.34 -8.91
C VAL A 78 6.33 -12.41 -9.02
C VAL A 78 6.33 -12.41 -9.02
C VAL A 78 6.33 -12.41 -9.02
N GLU A 79 6.40 -13.42 -8.16
CA GLU A 79 5.45 -14.53 -8.17
C GLU A 79 4.75 -14.51 -6.83
N SER A 80 3.57 -15.13 -6.80
CA SER A 80 2.76 -15.11 -5.60
C SER A 80 3.47 -15.66 -4.40
N GLU A 81 4.31 -16.67 -4.58
CA GLU A 81 5.02 -17.30 -3.46
C GLU A 81 6.17 -16.44 -2.91
N ASP A 82 6.43 -15.31 -3.55
CA ASP A 82 7.48 -14.40 -3.06
C ASP A 82 7.04 -13.56 -1.88
N ILE A 83 5.75 -13.59 -1.51
CA ILE A 83 5.31 -12.95 -0.27
C ILE A 83 6.18 -13.40 0.92
N ALA A 84 6.72 -12.42 1.65
CA ALA A 84 7.70 -12.65 2.69
C ALA A 84 8.19 -11.35 3.23
N ASP A 85 8.95 -11.43 4.32
CA ASP A 85 9.78 -10.32 4.76
C ASP A 85 11.18 -10.55 4.15
N TYR A 86 11.84 -9.46 3.77
CA TYR A 86 13.17 -9.52 3.17
C TYR A 86 14.10 -8.68 4.02
N TYR A 87 15.27 -9.24 4.37
CA TYR A 87 16.23 -8.61 5.25
C TYR A 87 17.59 -8.53 4.58
N CYS A 88 18.29 -7.43 4.85
CA CYS A 88 19.71 -7.32 4.51
C CYS A 88 20.54 -7.46 5.76
N GLN A 89 21.79 -7.86 5.57
CA GLN A 89 22.77 -8.10 6.64
C GLN A 89 24.10 -7.55 6.13
N GLN A 90 24.82 -6.82 6.98
CA GLN A 90 26.19 -6.39 6.63
C GLN A 90 27.15 -7.16 7.47
N ASN A 91 28.33 -7.42 6.92
CA ASN A 91 29.42 -7.94 7.74
C ASN A 91 30.79 -7.36 7.36
N ASN A 92 30.81 -6.11 6.91
CA ASN A 92 32.12 -5.42 6.78
C ASN A 92 32.71 -5.10 8.17
N ASN A 93 31.83 -4.90 9.15
CA ASN A 93 32.20 -4.38 10.48
CA ASN A 93 32.21 -4.37 10.48
C ASN A 93 31.57 -5.21 11.57
N TRP A 94 32.37 -5.65 12.56
CA TRP A 94 31.87 -6.41 13.69
C TRP A 94 31.10 -5.49 14.61
N PRO A 95 29.94 -5.93 15.14
CA PRO A 95 29.24 -7.20 14.88
C PRO A 95 28.40 -7.12 13.62
N THR A 96 28.20 -8.28 13.01
CA THR A 96 27.25 -8.36 11.89
C THR A 96 25.88 -7.83 12.36
N THR A 97 25.22 -7.08 11.51
CA THR A 97 23.94 -6.45 11.82
C THR A 97 23.00 -6.63 10.66
N PHE A 98 21.70 -6.57 10.99
CA PHE A 98 20.63 -6.77 10.02
C PHE A 98 19.71 -5.57 9.96
N GLY A 99 19.12 -5.33 8.79
CA GLY A 99 18.04 -4.35 8.65
C GLY A 99 16.75 -4.81 9.31
N ALA A 100 15.78 -3.91 9.35
CA ALA A 100 14.49 -4.19 10.04
C ALA A 100 13.48 -4.85 9.13
N GLY A 101 13.80 -4.96 7.86
CA GLY A 101 13.00 -5.73 6.92
C GLY A 101 12.08 -4.87 6.05
N THR A 102 11.84 -5.37 4.84
CA THR A 102 10.75 -4.89 4.01
C THR A 102 9.77 -6.04 3.82
N LYS A 103 8.49 -5.79 4.05
CA LYS A 103 7.47 -6.79 3.81
C LYS A 103 6.95 -6.65 2.39
N LEU A 104 6.92 -7.74 1.64
CA LEU A 104 6.37 -7.75 0.26
C LEU A 104 4.96 -8.29 0.33
N GLU A 105 4.02 -7.49 -0.15
CA GLU A 105 2.59 -7.85 -0.28
C GLU A 105 2.24 -7.89 -1.75
N LEU A 106 1.31 -8.77 -2.12
CA LEU A 106 0.93 -8.95 -3.50
C LEU A 106 -0.50 -8.51 -3.74
N LYS A 107 -0.68 -7.76 -4.82
CA LYS A 107 -2.02 -7.35 -5.22
C LYS A 107 -2.64 -8.46 -6.03
N ARG A 108 -3.96 -8.48 -6.03
CA ARG A 108 -4.73 -9.40 -6.86
C ARG A 108 -6.11 -8.80 -7.04
N THR A 109 -6.96 -9.47 -7.81
CA THR A 109 -8.32 -8.99 -8.00
C THR A 109 -9.15 -9.15 -6.73
N VAL A 110 -10.23 -8.38 -6.65
CA VAL A 110 -11.14 -8.47 -5.50
C VAL A 110 -11.71 -9.88 -5.47
N ALA A 111 -11.76 -10.47 -4.27
CA ALA A 111 -12.41 -11.76 -4.07
C ALA A 111 -13.24 -11.73 -2.80
N ALA A 112 -14.52 -12.04 -2.90
CA ALA A 112 -15.44 -12.02 -1.78
C ALA A 112 -15.15 -13.18 -0.83
N PRO A 113 -15.32 -12.98 0.50
CA PRO A 113 -15.17 -14.13 1.40
C PRO A 113 -16.32 -15.14 1.27
N SER A 114 -16.01 -16.41 1.51
CA SER A 114 -17.03 -17.41 1.80
CA SER A 114 -17.05 -17.38 1.81
C SER A 114 -17.16 -17.42 3.34
N VAL A 115 -18.37 -17.33 3.84
CA VAL A 115 -18.61 -17.11 5.27
C VAL A 115 -19.25 -18.35 5.88
N PHE A 116 -18.80 -18.74 7.06
CA PHE A 116 -19.33 -19.90 7.76
C PHE A 116 -19.43 -19.54 9.23
N ILE A 117 -20.50 -20.00 9.87
CA ILE A 117 -20.67 -19.81 11.31
C ILE A 117 -20.66 -21.14 12.05
N PHE A 118 -20.05 -21.17 13.23
CA PHE A 118 -19.95 -22.39 14.02
C PHE A 118 -20.47 -22.16 15.42
N PRO A 119 -21.50 -22.93 15.82
CA PRO A 119 -21.93 -22.88 17.21
C PRO A 119 -20.90 -23.43 18.15
N PRO A 120 -21.05 -23.11 19.43
CA PRO A 120 -20.16 -23.74 20.41
C PRO A 120 -20.49 -25.22 20.49
N SER A 121 -19.46 -26.03 20.76
CA SER A 121 -19.63 -27.47 20.97
C SER A 121 -20.29 -27.73 22.29
N ASP A 122 -21.02 -28.85 22.39
CA ASP A 122 -21.55 -29.28 23.68
C ASP A 122 -20.43 -29.54 24.69
N GLU A 123 -19.30 -30.03 24.19
CA GLU A 123 -18.13 -30.29 25.02
C GLU A 123 -17.66 -29.02 25.70
N GLN A 124 -17.54 -27.93 24.95
CA GLN A 124 -17.13 -26.67 25.56
C GLN A 124 -18.16 -26.15 26.55
N LEU A 125 -19.44 -26.25 26.24
CA LEU A 125 -20.47 -25.68 27.11
C LEU A 125 -20.42 -26.29 28.53
N LYS A 126 -19.94 -27.54 28.65
CA LYS A 126 -19.67 -28.15 29.97
C LYS A 126 -18.67 -27.36 30.82
N SER A 127 -17.72 -26.71 30.16
CA SER A 127 -16.71 -25.85 30.80
C SER A 127 -17.29 -24.54 31.35
N GLY A 128 -18.50 -24.15 30.95
CA GLY A 128 -19.12 -22.89 31.39
C GLY A 128 -19.01 -21.72 30.44
N THR A 129 -18.39 -21.95 29.26
CA THR A 129 -18.10 -20.89 28.28
C THR A 129 -18.56 -21.35 26.92
N ALA A 130 -19.02 -20.40 26.10
CA ALA A 130 -19.45 -20.65 24.73
C ALA A 130 -18.65 -19.77 23.78
N SER A 131 -17.89 -20.39 22.89
CA SER A 131 -17.24 -19.65 21.80
C SER A 131 -18.03 -19.88 20.51
N VAL A 132 -18.40 -18.80 19.86
CA VAL A 132 -19.09 -18.83 18.61
C VAL A 132 -18.11 -18.29 17.55
N VAL A 133 -17.92 -18.99 16.45
CA VAL A 133 -16.87 -18.61 15.52
C VAL A 133 -17.47 -18.31 14.16
N CYS A 134 -17.01 -17.22 13.58
CA CYS A 134 -17.37 -16.84 12.21
C CYS A 134 -16.09 -16.85 11.38
N LEU A 135 -16.10 -17.57 10.26
CA LEU A 135 -14.95 -17.74 9.43
C LEU A 135 -15.25 -17.02 8.10
N LEU A 136 -14.31 -16.22 7.64
CA LEU A 136 -14.35 -15.51 6.36
C LEU A 136 -13.19 -16.11 5.58
N ASN A 137 -13.50 -16.88 4.57
CA ASN A 137 -12.49 -17.63 3.87
C ASN A 137 -12.11 -17.08 2.48
N ASN A 138 -10.81 -16.95 2.27
CA ASN A 138 -10.17 -16.66 0.96
C ASN A 138 -10.71 -15.43 0.27
N PHE A 139 -10.42 -14.28 0.86
CA PHE A 139 -10.91 -12.99 0.32
C PHE A 139 -9.77 -12.02 0.08
N TYR A 140 -10.08 -10.94 -0.65
CA TYR A 140 -9.13 -9.90 -0.94
C TYR A 140 -9.92 -8.68 -1.37
N PRO A 141 -9.57 -7.48 -0.85
CA PRO A 141 -8.44 -7.13 -0.02
C PRO A 141 -8.68 -7.51 1.45
N ARG A 142 -7.70 -7.26 2.28
CA ARG A 142 -7.70 -7.70 3.69
C ARG A 142 -8.79 -7.07 4.54
N GLU A 143 -9.17 -5.83 4.23
CA GLU A 143 -10.18 -5.12 5.02
C GLU A 143 -11.55 -5.81 4.94
N ALA A 144 -12.10 -6.09 6.10
CA ALA A 144 -13.40 -6.71 6.23
C ALA A 144 -13.96 -6.32 7.58
N LYS A 145 -15.27 -6.32 7.71
CA LYS A 145 -15.93 -6.07 8.97
C LYS A 145 -16.85 -7.20 9.37
N VAL A 146 -16.72 -7.65 10.61
CA VAL A 146 -17.58 -8.65 11.20
C VAL A 146 -18.42 -7.99 12.28
N GLN A 147 -19.73 -8.11 12.21
CA GLN A 147 -20.62 -7.61 13.26
C GLN A 147 -21.38 -8.77 13.87
N TRP A 148 -21.33 -8.92 15.18
CA TRP A 148 -22.05 -9.97 15.84
C TRP A 148 -23.33 -9.44 16.45
N LYS A 149 -24.42 -10.21 16.31
CA LYS A 149 -25.67 -9.91 16.99
C LYS A 149 -26.20 -11.16 17.68
N VAL A 150 -26.75 -10.99 18.88
CA VAL A 150 -27.38 -12.08 19.62
C VAL A 150 -28.81 -11.63 19.91
N ASP A 151 -29.79 -12.34 19.37
CA ASP A 151 -31.20 -11.87 19.38
C ASP A 151 -31.30 -10.37 19.05
N ASN A 152 -30.59 -9.95 18.00
CA ASN A 152 -30.60 -8.56 17.53
C ASN A 152 -29.97 -7.49 18.44
N ALA A 153 -29.33 -7.93 19.54
CA ALA A 153 -28.48 -7.06 20.34
C ALA A 153 -27.08 -7.05 19.71
N LEU A 154 -26.59 -5.86 19.44
CA LEU A 154 -25.24 -5.69 18.89
C LEU A 154 -24.23 -6.07 19.96
N GLN A 155 -23.28 -6.93 19.63
CA GLN A 155 -22.22 -7.31 20.55
C GLN A 155 -21.02 -6.42 20.31
N SER A 156 -20.45 -5.88 21.40
CA SER A 156 -19.30 -5.01 21.27
C SER A 156 -18.28 -5.33 22.34
N GLY A 157 -17.02 -5.58 21.92
CA GLY A 157 -15.92 -5.81 22.86
C GLY A 157 -15.70 -7.26 23.32
N ASN A 158 -16.65 -8.15 23.01
CA ASN A 158 -16.59 -9.54 23.45
C ASN A 158 -16.28 -10.52 22.28
N SER A 159 -15.63 -9.97 21.25
CA SER A 159 -15.11 -10.78 20.17
C SER A 159 -13.65 -10.42 19.91
N GLN A 160 -12.91 -11.39 19.40
CA GLN A 160 -11.56 -11.17 18.94
C GLN A 160 -11.41 -11.79 17.56
N GLU A 161 -10.53 -11.20 16.78
CA GLU A 161 -10.28 -11.77 15.46
C GLU A 161 -8.84 -11.87 15.15
N SER A 162 -8.53 -12.76 14.20
CA SER A 162 -7.24 -12.76 13.61
C SER A 162 -7.31 -13.12 12.14
N VAL A 163 -6.24 -12.76 11.46
CA VAL A 163 -6.20 -12.84 10.01
C VAL A 163 -4.93 -13.57 9.62
N THR A 164 -5.03 -14.49 8.66
CA THR A 164 -3.85 -15.18 8.15
C THR A 164 -3.00 -14.24 7.34
N GLU A 165 -1.76 -14.61 7.13
CA GLU A 165 -0.94 -13.97 6.10
C GLU A 165 -1.49 -14.32 4.71
N GLN A 166 -1.09 -13.57 3.68
CA GLN A 166 -1.54 -13.86 2.34
C GLN A 166 -1.17 -15.27 1.91
N ASP A 167 -2.07 -15.92 1.21
CA ASP A 167 -1.84 -17.27 0.76
C ASP A 167 -0.77 -17.25 -0.35
N SER A 168 0.18 -18.19 -0.30
CA SER A 168 1.29 -18.21 -1.26
C SER A 168 0.87 -18.51 -2.70
N LYS A 169 -0.28 -19.16 -2.88
CA LYS A 169 -0.75 -19.50 -4.21
C LYS A 169 -1.76 -18.51 -4.76
N ASP A 170 -2.77 -18.14 -3.97
CA ASP A 170 -3.86 -17.31 -4.49
C ASP A 170 -3.88 -15.89 -3.93
N SER A 171 -2.94 -15.54 -3.05
CA SER A 171 -2.77 -14.18 -2.52
C SER A 171 -3.99 -13.67 -1.72
N THR A 172 -4.88 -14.60 -1.27
CA THR A 172 -5.98 -14.21 -0.42
C THR A 172 -5.65 -14.28 1.08
N TYR A 173 -6.55 -13.69 1.85
CA TYR A 173 -6.56 -13.74 3.31
C TYR A 173 -7.74 -14.55 3.78
N SER A 174 -7.65 -15.06 5.00
CA SER A 174 -8.82 -15.55 5.70
C SER A 174 -8.84 -14.97 7.10
N LEU A 175 -10.02 -14.91 7.70
CA LEU A 175 -10.22 -14.27 9.00
C LEU A 175 -11.14 -15.12 9.86
N SER A 176 -10.81 -15.20 11.14
CA SER A 176 -11.61 -15.91 12.12
CA SER A 176 -11.64 -15.90 12.11
C SER A 176 -11.99 -14.90 13.19
N SER A 177 -13.29 -14.81 13.52
CA SER A 177 -13.76 -13.97 14.62
C SER A 177 -14.44 -14.86 15.62
N THR A 178 -14.07 -14.74 16.88
CA THR A 178 -14.64 -15.54 17.93
C THR A 178 -15.39 -14.64 18.90
N LEU A 179 -16.68 -14.88 19.04
CA LEU A 179 -17.54 -14.27 20.04
C LEU A 179 -17.56 -15.17 21.28
N THR A 180 -17.25 -14.61 22.44
CA THR A 180 -17.22 -15.41 23.66
C THR A 180 -18.32 -14.98 24.65
N LEU A 181 -19.14 -15.94 25.08
CA LEU A 181 -20.21 -15.71 26.05
C LEU A 181 -20.11 -16.76 27.16
N SER A 182 -20.76 -16.49 28.30
CA SER A 182 -20.96 -17.56 29.27
C SER A 182 -21.97 -18.59 28.73
N LYS A 183 -21.88 -19.82 29.24
CA LYS A 183 -22.88 -20.85 28.97
C LYS A 183 -24.27 -20.32 29.29
N ALA A 184 -24.40 -19.68 30.46
CA ALA A 184 -25.69 -19.24 30.96
C ALA A 184 -26.32 -18.26 29.98
N ASP A 185 -25.53 -17.28 29.51
CA ASP A 185 -26.02 -16.32 28.54
C ASP A 185 -26.34 -16.96 27.22
N TYR A 186 -25.48 -17.87 26.76
CA TYR A 186 -25.70 -18.55 25.50
C TYR A 186 -27.05 -19.29 25.50
N GLU A 187 -27.34 -19.98 26.60
CA GLU A 187 -28.58 -20.76 26.70
CA GLU A 187 -28.58 -20.76 26.70
C GLU A 187 -29.84 -19.90 26.89
N LYS A 188 -29.68 -18.63 27.22
CA LYS A 188 -30.80 -17.68 27.30
C LYS A 188 -31.22 -17.04 25.97
N HIS A 189 -30.48 -17.27 24.91
CA HIS A 189 -30.75 -16.60 23.64
C HIS A 189 -30.81 -17.58 22.50
N LYS A 190 -31.42 -17.14 21.42
CA LYS A 190 -31.77 -18.04 20.33
C LYS A 190 -30.95 -17.77 19.08
N VAL A 191 -30.99 -16.54 18.60
CA VAL A 191 -30.43 -16.21 17.30
C VAL A 191 -29.02 -15.63 17.40
N TYR A 192 -28.07 -16.38 16.84
CA TYR A 192 -26.64 -16.00 16.80
C TYR A 192 -26.28 -15.67 15.36
N ALA A 193 -25.86 -14.43 15.12
CA ALA A 193 -25.62 -13.97 13.73
C ALA A 193 -24.31 -13.23 13.55
N CYS A 194 -23.58 -13.60 12.49
CA CYS A 194 -22.38 -12.91 12.06
CA CYS A 194 -22.42 -12.79 12.10
C CYS A 194 -22.70 -12.19 10.74
N GLU A 195 -22.55 -10.87 10.68
CA GLU A 195 -22.77 -10.13 9.44
C GLU A 195 -21.43 -9.64 8.91
N VAL A 196 -21.15 -9.93 7.65
CA VAL A 196 -19.88 -9.66 7.07
C VAL A 196 -20.04 -8.61 5.98
N THR A 197 -19.21 -7.57 6.07
CA THR A 197 -19.07 -6.55 5.06
C THR A 197 -17.72 -6.63 4.40
N HIS A 198 -17.70 -6.59 3.07
CA HIS A 198 -16.49 -6.69 2.32
C HIS A 198 -16.72 -6.08 0.94
N GLN A 199 -15.66 -5.51 0.40
CA GLN A 199 -15.68 -4.88 -0.93
C GLN A 199 -16.26 -5.81 -2.04
N GLY A 200 -15.96 -7.09 -1.94
CA GLY A 200 -16.39 -8.09 -2.91
C GLY A 200 -17.87 -8.47 -2.88
N LEU A 201 -18.59 -8.05 -1.84
CA LEU A 201 -19.97 -8.41 -1.62
C LEU A 201 -20.81 -7.19 -1.95
N SER A 202 -21.84 -7.34 -2.78
CA SER A 202 -22.70 -6.20 -3.10
C SER A 202 -23.54 -5.77 -1.91
N SER A 203 -23.89 -6.72 -1.03
CA SER A 203 -24.53 -6.39 0.22
CA SER A 203 -24.51 -6.37 0.23
C SER A 203 -23.93 -7.27 1.32
N PRO A 204 -24.03 -6.85 2.58
CA PRO A 204 -23.45 -7.67 3.64
C PRO A 204 -24.06 -9.07 3.71
N VAL A 205 -23.27 -10.05 4.07
CA VAL A 205 -23.73 -11.44 4.15
C VAL A 205 -23.91 -11.79 5.59
N THR A 206 -25.04 -12.36 5.95
CA THR A 206 -25.28 -12.82 7.32
C THR A 206 -25.37 -14.33 7.37
N LYS A 207 -24.56 -14.94 8.23
CA LYS A 207 -24.70 -16.36 8.56
C LYS A 207 -25.17 -16.42 10.01
N SER A 208 -26.18 -17.25 10.26
CA SER A 208 -26.77 -17.33 11.56
C SER A 208 -27.18 -18.76 11.89
N PHE A 209 -27.31 -19.04 13.17
CA PHE A 209 -27.97 -20.27 13.61
C PHE A 209 -28.90 -19.94 14.76
N ASN A 210 -29.90 -20.80 14.95
CA ASN A 210 -30.74 -20.79 16.13
C ASN A 210 -30.25 -21.85 17.08
N ARG A 211 -29.99 -21.48 18.34
CA ARG A 211 -29.47 -22.43 19.28
C ARG A 211 -30.50 -23.57 19.44
N GLY A 212 -30.02 -24.79 19.36
CA GLY A 212 -30.86 -25.99 19.53
C GLY A 212 -31.62 -26.41 18.27
N GLU A 213 -31.32 -25.83 17.11
CA GLU A 213 -31.86 -26.26 15.82
C GLU A 213 -30.72 -26.63 14.89
N GLN B 1 22.66 -34.11 3.90
CA GLN B 1 22.04 -32.76 3.93
C GLN B 1 22.29 -32.08 5.27
N VAL B 2 22.65 -30.82 5.21
CA VAL B 2 22.97 -30.04 6.40
C VAL B 2 21.65 -29.73 7.10
N GLN B 3 21.57 -30.05 8.39
CA GLN B 3 20.42 -29.67 9.21
C GLN B 3 20.87 -29.26 10.60
N LEU B 4 20.09 -28.35 11.18
CA LEU B 4 20.24 -27.90 12.55
C LEU B 4 18.86 -28.02 13.18
N LYS B 5 18.77 -28.73 14.30
CA LYS B 5 17.49 -29.01 14.97
C LYS B 5 17.60 -28.57 16.41
N GLN B 6 16.68 -27.72 16.81
CA GLN B 6 16.74 -27.10 18.11
C GLN B 6 15.75 -27.72 19.06
N SER B 7 16.05 -27.59 20.34
CA SER B 7 15.14 -28.03 21.39
C SER B 7 13.88 -27.18 21.39
N GLY B 8 12.87 -27.64 22.11
CA GLY B 8 11.54 -27.09 22.01
C GLY B 8 11.32 -25.76 22.71
N PRO B 9 10.19 -25.12 22.36
CA PRO B 9 9.81 -23.86 22.95
C PRO B 9 9.40 -24.00 24.39
N GLY B 10 9.48 -22.90 25.11
CA GLY B 10 9.00 -22.89 26.48
C GLY B 10 9.17 -21.55 27.16
N LEU B 11 8.65 -21.55 28.39
CA LEU B 11 8.58 -20.40 29.22
C LEU B 11 9.84 -20.32 30.14
N VAL B 12 10.44 -19.14 30.26
CA VAL B 12 11.49 -18.84 31.26
C VAL B 12 10.97 -17.77 32.21
N GLN B 13 11.17 -17.95 33.53
CA GLN B 13 10.70 -16.95 34.47
C GLN B 13 11.66 -15.74 34.47
N PRO B 14 11.15 -14.51 34.68
CA PRO B 14 12.05 -13.35 34.74
C PRO B 14 13.18 -13.52 35.77
N SER B 15 14.37 -13.05 35.39
CA SER B 15 15.61 -13.21 36.13
C SER B 15 16.23 -14.62 36.07
N GLN B 16 15.59 -15.58 35.41
CA GLN B 16 16.14 -16.93 35.31
C GLN B 16 16.80 -17.15 33.95
N SER B 17 17.34 -18.35 33.72
CA SER B 17 18.16 -18.60 32.52
C SER B 17 17.41 -19.38 31.42
N LEU B 18 17.91 -19.18 30.20
CA LEU B 18 17.45 -19.86 28.99
C LEU B 18 18.52 -20.85 28.57
N SER B 19 18.13 -22.09 28.28
CA SER B 19 19.05 -23.11 27.76
CA SER B 19 19.05 -23.10 27.76
C SER B 19 18.46 -23.72 26.50
N ILE B 20 19.22 -23.71 25.40
CA ILE B 20 18.77 -24.28 24.12
C ILE B 20 19.86 -25.18 23.59
N THR B 21 19.48 -26.34 23.06
CA THR B 21 20.39 -27.22 22.37
C THR B 21 20.12 -27.20 20.88
N CYS B 22 21.21 -27.09 20.12
CA CYS B 22 21.18 -27.15 18.65
C CYS B 22 21.94 -28.40 18.25
N THR B 23 21.24 -29.37 17.66
CA THR B 23 21.83 -30.65 17.26
C THR B 23 21.99 -30.62 15.76
N VAL B 24 23.22 -30.76 15.29
CA VAL B 24 23.51 -30.61 13.86
C VAL B 24 23.74 -31.97 13.20
N SER B 25 23.52 -32.00 11.90
CA SER B 25 23.82 -33.20 11.11
C SER B 25 24.18 -32.79 9.70
N GLY B 26 24.89 -33.68 9.01
CA GLY B 26 25.36 -33.44 7.66
C GLY B 26 26.64 -32.62 7.57
N PHE B 27 27.23 -32.30 8.72
CA PHE B 27 28.54 -31.72 8.78
C PHE B 27 29.09 -31.95 10.18
N ASP B 28 30.38 -31.77 10.37
CA ASP B 28 31.00 -31.92 11.66
C ASP B 28 31.23 -30.57 12.34
N LEU B 29 30.96 -30.48 13.65
CA LEU B 29 31.18 -29.25 14.43
C LEU B 29 32.63 -28.83 14.52
N THR B 30 33.56 -29.77 14.29
CA THR B 30 34.97 -29.42 14.24
C THR B 30 35.34 -28.65 12.97
N ASP B 31 34.44 -28.60 11.98
CA ASP B 31 34.72 -27.95 10.70
C ASP B 31 33.99 -26.63 10.48
N TYR B 32 32.96 -26.33 11.28
CA TYR B 32 32.19 -25.08 11.09
C TYR B 32 31.84 -24.43 12.41
N GLY B 33 31.76 -23.11 12.38
CA GLY B 33 31.21 -22.39 13.52
C GLY B 33 29.70 -22.54 13.51
N VAL B 34 29.11 -22.41 14.70
CA VAL B 34 27.65 -22.34 14.82
C VAL B 34 27.34 -21.02 15.53
N HIS B 35 26.47 -20.25 14.89
CA HIS B 35 26.07 -18.92 15.32
C HIS B 35 24.67 -18.93 15.91
N TRP B 36 24.39 -17.94 16.74
CA TRP B 36 23.09 -17.78 17.33
C TRP B 36 22.56 -16.39 17.03
N VAL B 37 21.28 -16.32 16.65
CA VAL B 37 20.64 -15.12 16.17
C VAL B 37 19.24 -15.16 16.79
N ARG B 38 18.75 -14.04 17.30
CA ARG B 38 17.35 -14.00 17.73
C ARG B 38 16.52 -12.97 16.97
N GLN B 39 15.20 -13.13 17.08
CA GLN B 39 14.26 -12.28 16.43
C GLN B 39 13.12 -11.96 17.37
N SER B 40 13.05 -10.71 17.80
CA SER B 40 12.00 -10.25 18.75
C SER B 40 10.71 -10.12 17.96
N PRO B 41 9.55 -10.31 18.64
CA PRO B 41 8.24 -10.32 17.93
C PRO B 41 8.07 -9.10 17.02
N GLY B 42 7.70 -9.35 15.76
CA GLY B 42 7.55 -8.29 14.75
C GLY B 42 8.80 -7.49 14.37
N LYS B 43 9.99 -8.00 14.74
CA LYS B 43 11.25 -7.28 14.52
C LYS B 43 12.18 -8.02 13.53
N GLY B 44 13.36 -7.42 13.33
CA GLY B 44 14.44 -7.99 12.53
C GLY B 44 15.32 -8.90 13.39
N LEU B 45 16.46 -9.25 12.82
CA LEU B 45 17.35 -10.24 13.40
C LEU B 45 18.46 -9.55 14.19
N GLU B 46 18.93 -10.17 15.28
CA GLU B 46 20.02 -9.69 16.08
C GLU B 46 20.99 -10.87 16.27
N TRP B 47 22.24 -10.69 15.85
CA TRP B 47 23.26 -11.71 16.07
C TRP B 47 23.77 -11.67 17.51
N LEU B 48 23.81 -12.83 18.15
CA LEU B 48 24.15 -12.96 19.57
C LEU B 48 25.57 -13.42 19.81
N GLY B 49 26.03 -14.34 18.99
CA GLY B 49 27.39 -14.87 19.17
C GLY B 49 27.61 -16.15 18.40
N VAL B 50 28.76 -16.76 18.62
CA VAL B 50 29.22 -17.86 17.79
C VAL B 50 30.15 -18.73 18.61
N ILE B 51 30.10 -20.04 18.37
CA ILE B 51 31.16 -20.95 18.79
C ILE B 51 31.84 -21.50 17.54
N TRP B 52 33.13 -21.21 17.45
CA TRP B 52 33.89 -21.54 16.26
C TRP B 52 34.32 -23.01 16.25
N SER B 53 34.78 -23.44 15.08
CA SER B 53 35.28 -24.81 14.86
C SER B 53 36.13 -25.32 16.03
N GLY B 54 37.14 -24.52 16.40
CA GLY B 54 38.07 -24.91 17.44
C GLY B 54 37.67 -24.69 18.89
N GLY B 55 36.45 -24.17 19.11
CA GLY B 55 35.93 -23.98 20.46
C GLY B 55 35.98 -22.55 20.98
N ASN B 56 36.65 -21.64 20.29
CA ASN B 56 36.63 -20.22 20.66
C ASN B 56 35.21 -19.70 20.52
N THR B 57 34.88 -18.68 21.31
CA THR B 57 33.60 -18.00 21.23
C THR B 57 33.78 -16.51 21.08
N ASP B 58 32.81 -15.89 20.44
CA ASP B 58 32.62 -14.44 20.44
C ASP B 58 31.15 -14.17 20.77
N TYR B 59 30.92 -13.16 21.61
CA TYR B 59 29.59 -12.71 21.99
C TYR B 59 29.42 -11.25 21.61
N ASN B 60 28.25 -10.93 21.07
CA ASN B 60 27.91 -9.55 20.76
C ASN B 60 27.90 -8.75 22.08
N THR B 61 28.29 -7.48 21.98
CA THR B 61 28.56 -6.62 23.13
C THR B 61 27.48 -6.59 24.23
N PRO B 62 26.18 -6.49 23.85
CA PRO B 62 25.14 -6.55 24.90
C PRO B 62 25.09 -7.84 25.71
N PHE B 63 25.75 -8.91 25.26
CA PHE B 63 25.58 -10.22 25.86
C PHE B 63 26.81 -10.83 26.48
N THR B 64 27.94 -10.12 26.47
CA THR B 64 29.20 -10.72 26.88
C THR B 64 29.19 -11.25 28.32
N SER B 65 28.46 -10.60 29.22
CA SER B 65 28.45 -11.06 30.62
C SER B 65 27.28 -11.99 30.95
N ARG B 66 26.38 -12.24 30.01
CA ARG B 66 25.29 -13.16 30.34
C ARG B 66 25.05 -14.31 29.41
N LEU B 67 25.87 -14.47 28.39
CA LEU B 67 25.71 -15.51 27.44
C LEU B 67 26.88 -16.46 27.53
N SER B 68 26.64 -17.76 27.47
CA SER B 68 27.71 -18.71 27.22
C SER B 68 27.28 -19.71 26.15
N ILE B 69 28.21 -20.04 25.26
CA ILE B 69 27.96 -21.06 24.26
C ILE B 69 29.05 -22.10 24.39
N ASN B 70 28.65 -23.36 24.48
CA ASN B 70 29.56 -24.51 24.59
C ASN B 70 29.12 -25.55 23.59
N LYS B 71 29.93 -26.58 23.37
CA LYS B 71 29.52 -27.66 22.50
C LYS B 71 30.13 -29.01 22.87
N ASP B 72 29.57 -30.06 22.28
CA ASP B 72 30.10 -31.42 22.33
C ASP B 72 30.20 -31.90 20.89
N ASN B 73 31.42 -31.86 20.35
CA ASN B 73 31.68 -32.26 18.97
C ASN B 73 31.27 -33.70 18.69
N SER B 74 31.56 -34.61 19.63
CA SER B 74 31.24 -36.04 19.44
C SER B 74 29.74 -36.30 19.35
N LYS B 75 28.94 -35.47 20.02
CA LYS B 75 27.48 -35.57 19.97
C LYS B 75 26.80 -34.59 18.98
N SER B 76 27.59 -33.80 18.25
CA SER B 76 27.07 -32.83 17.32
C SER B 76 26.06 -31.88 17.98
N GLN B 77 26.34 -31.46 19.20
CA GLN B 77 25.47 -30.58 19.95
C GLN B 77 26.16 -29.27 20.31
N VAL B 78 25.39 -28.19 20.21
CA VAL B 78 25.81 -26.89 20.65
C VAL B 78 24.82 -26.42 21.69
N PHE B 79 25.34 -25.89 22.79
CA PHE B 79 24.54 -25.47 23.94
C PHE B 79 24.61 -23.97 24.10
N PHE B 80 23.45 -23.34 24.02
CA PHE B 80 23.30 -21.90 24.21
C PHE B 80 22.71 -21.71 25.60
N LYS B 81 23.33 -20.86 26.40
CA LYS B 81 22.77 -20.51 27.71
C LYS B 81 22.84 -19.00 27.91
N MET B 82 21.74 -18.39 28.32
CA MET B 82 21.73 -16.97 28.58
C MET B 82 21.08 -16.75 29.93
N ASN B 83 21.70 -15.93 30.79
CA ASN B 83 21.19 -15.75 32.15
CA ASN B 83 21.24 -15.73 32.16
C ASN B 83 20.42 -14.44 32.29
N SER B 84 19.70 -14.32 33.39
CA SER B 84 19.04 -13.05 33.78
C SER B 84 18.06 -12.52 32.76
N LEU B 85 17.16 -13.37 32.29
CA LEU B 85 16.22 -12.94 31.25
C LEU B 85 15.17 -11.96 31.78
N GLN B 86 14.84 -10.98 30.96
CA GLN B 86 13.74 -10.08 31.23
C GLN B 86 12.72 -10.19 30.10
N SER B 87 11.58 -9.52 30.24
CA SER B 87 10.48 -9.55 29.27
C SER B 87 10.94 -9.38 27.86
N ASN B 88 11.77 -8.36 27.64
CA ASN B 88 12.25 -8.03 26.30
C ASN B 88 13.30 -9.02 25.71
N ASP B 89 13.65 -10.09 26.42
CA ASP B 89 14.35 -11.25 25.83
C ASP B 89 13.42 -12.30 25.21
N THR B 90 12.10 -12.08 25.28
CA THR B 90 11.13 -12.92 24.58
C THR B 90 11.40 -12.78 23.07
N ALA B 91 11.62 -13.91 22.41
CA ALA B 91 12.07 -13.95 21.01
C ALA B 91 12.14 -15.35 20.52
N ILE B 92 12.23 -15.50 19.19
CA ILE B 92 12.59 -16.73 18.58
C ILE B 92 14.13 -16.74 18.51
N TYR B 93 14.73 -17.79 19.05
CA TYR B 93 16.19 -17.97 19.06
C TYR B 93 16.54 -18.98 17.99
N TYR B 94 17.50 -18.65 17.13
CA TYR B 94 17.96 -19.55 16.09
C TYR B 94 19.42 -19.90 16.22
N CYS B 95 19.78 -21.14 15.87
CA CYS B 95 21.17 -21.46 15.54
C CYS B 95 21.30 -21.46 14.03
N ALA B 96 22.53 -21.23 13.55
CA ALA B 96 22.74 -21.08 12.13
C ALA B 96 24.15 -21.48 11.78
N ARG B 97 24.34 -21.92 10.53
CA ARG B 97 25.69 -22.24 10.01
C ARG B 97 25.94 -21.45 8.74
N ALA B 98 27.18 -20.98 8.58
CA ALA B 98 27.56 -20.26 7.39
C ALA B 98 27.93 -21.17 6.25
N LEU B 99 27.99 -20.57 5.06
CA LEU B 99 28.47 -21.31 3.91
C LEU B 99 29.90 -21.78 4.09
N THR B 100 30.75 -20.94 4.67
N THR B 100 30.73 -20.94 4.69
CA THR B 100 32.16 -21.31 4.85
CA THR B 100 32.17 -21.21 4.81
C THR B 100 32.51 -21.20 6.29
C THR B 100 32.52 -21.18 6.28
N TYR B 101 33.55 -21.94 6.68
CA TYR B 101 33.86 -22.14 8.09
C TYR B 101 34.05 -20.86 8.92
N TYR B 102 34.58 -19.83 8.27
CA TYR B 102 35.01 -18.59 8.93
C TYR B 102 34.05 -17.41 8.73
N ASP B 103 32.99 -17.61 7.95
CA ASP B 103 32.20 -16.49 7.43
C ASP B 103 30.84 -16.45 8.12
N TYR B 104 30.00 -15.53 7.66
CA TYR B 104 28.76 -15.15 8.34
C TYR B 104 27.58 -15.08 7.35
N GLU B 105 27.68 -15.73 6.19
CA GLU B 105 26.51 -15.77 5.32
C GLU B 105 25.74 -17.06 5.65
N PHE B 106 24.62 -16.87 6.31
CA PHE B 106 23.96 -17.95 7.00
C PHE B 106 23.04 -18.72 6.03
N ALA B 107 23.61 -19.77 5.45
CA ALA B 107 22.90 -20.60 4.48
C ALA B 107 22.00 -21.63 5.13
N TYR B 108 22.28 -21.99 6.39
CA TYR B 108 21.53 -23.07 7.07
C TYR B 108 21.06 -22.56 8.43
N TRP B 109 19.78 -22.75 8.73
CA TRP B 109 19.19 -22.29 9.97
C TRP B 109 18.44 -23.39 10.68
N GLY B 110 18.50 -23.36 12.01
CA GLY B 110 17.59 -24.16 12.84
C GLY B 110 16.16 -23.71 12.64
N GLN B 111 15.23 -24.49 13.19
CA GLN B 111 13.81 -24.13 13.03
C GLN B 111 13.34 -23.00 13.97
N GLY B 112 14.20 -22.64 14.93
CA GLY B 112 13.88 -21.62 15.90
C GLY B 112 13.29 -22.21 17.16
N THR B 113 13.54 -21.55 18.27
CA THR B 113 12.98 -21.87 19.58
C THR B 113 12.31 -20.62 20.12
N LEU B 114 10.99 -20.65 20.27
CA LEU B 114 10.27 -19.51 20.81
C LEU B 114 10.37 -19.58 22.31
N VAL B 115 11.01 -18.57 22.87
CA VAL B 115 11.21 -18.45 24.32
C VAL B 115 10.37 -17.29 24.81
N THR B 116 9.47 -17.57 25.76
CA THR B 116 8.65 -16.55 26.33
C THR B 116 9.16 -16.31 27.76
N VAL B 117 9.34 -15.06 28.11
CA VAL B 117 9.79 -14.68 29.48
C VAL B 117 8.61 -14.08 30.20
N SER B 118 8.10 -14.80 31.18
CA SER B 118 6.91 -14.39 31.89
C SER B 118 6.84 -15.10 33.21
N ALA B 119 6.26 -14.41 34.20
CA ALA B 119 6.06 -15.02 35.51
C ALA B 119 4.92 -16.08 35.68
N ALA B 120 4.27 -16.44 34.59
CA ALA B 120 3.02 -17.12 34.61
C ALA B 120 3.29 -18.61 34.56
N SER B 121 2.22 -19.39 34.63
CA SER B 121 2.33 -20.83 34.59
C SER B 121 2.13 -21.32 33.16
N THR B 122 2.76 -22.44 32.84
CA THR B 122 2.49 -23.15 31.61
C THR B 122 1.12 -23.80 31.75
N LYS B 123 0.28 -23.71 30.72
CA LYS B 123 -1.04 -24.33 30.73
C LYS B 123 -1.32 -24.92 29.35
N GLY B 124 -1.74 -26.19 29.32
CA GLY B 124 -2.10 -26.85 28.07
C GLY B 124 -3.51 -26.50 27.58
N PRO B 125 -3.74 -26.58 26.26
CA PRO B 125 -5.02 -26.20 25.68
C PRO B 125 -6.14 -27.22 25.85
N SER B 126 -7.36 -26.73 25.78
CA SER B 126 -8.52 -27.55 25.51
C SER B 126 -8.78 -27.46 24.03
N VAL B 127 -9.24 -28.55 23.43
CA VAL B 127 -9.47 -28.56 21.98
C VAL B 127 -10.92 -28.88 21.76
N PHE B 128 -11.64 -28.01 21.05
CA PHE B 128 -13.04 -28.19 20.77
C PHE B 128 -13.29 -28.24 19.27
N PRO B 129 -14.29 -29.00 18.83
CA PRO B 129 -14.58 -29.07 17.40
C PRO B 129 -15.38 -27.87 16.88
N LEU B 130 -15.04 -27.47 15.66
CA LEU B 130 -15.83 -26.53 14.86
C LEU B 130 -16.49 -27.40 13.83
N ALA B 131 -17.74 -27.81 14.11
CA ALA B 131 -18.32 -28.91 13.34
C ALA B 131 -18.90 -28.41 12.02
N PRO B 132 -18.74 -29.16 10.92
CA PRO B 132 -19.39 -28.72 9.68
C PRO B 132 -20.91 -28.79 9.80
N SER B 133 -21.63 -27.81 9.27
CA SER B 133 -23.12 -27.94 9.23
C SER B 133 -23.67 -27.85 7.81
N SER B 134 -24.90 -28.32 7.63
CA SER B 134 -25.57 -28.33 6.32
C SER B 134 -26.23 -26.98 6.02
N GLY B 139 -22.21 -24.70 -2.57
CA GLY B 139 -21.28 -25.05 -3.65
C GLY B 139 -20.47 -26.33 -3.40
N GLY B 140 -21.05 -27.24 -2.62
CA GLY B 140 -20.50 -28.54 -2.42
C GLY B 140 -19.36 -28.62 -1.40
N THR B 141 -18.94 -27.48 -0.83
CA THR B 141 -17.78 -27.43 0.07
C THR B 141 -18.24 -27.22 1.50
N ALA B 142 -17.63 -27.92 2.45
CA ALA B 142 -17.90 -27.68 3.87
C ALA B 142 -16.67 -27.20 4.55
N ALA B 143 -16.84 -26.35 5.56
CA ALA B 143 -15.74 -25.95 6.39
C ALA B 143 -15.87 -26.60 7.77
N LEU B 144 -14.75 -26.99 8.32
CA LEU B 144 -14.71 -27.56 9.67
C LEU B 144 -13.42 -27.14 10.31
N GLY B 145 -13.28 -27.35 11.62
CA GLY B 145 -12.06 -26.92 12.25
C GLY B 145 -11.93 -27.36 13.69
N CYS B 146 -10.91 -26.85 14.34
CA CYS B 146 -10.66 -27.04 15.77
C CYS B 146 -10.35 -25.70 16.45
N LEU B 147 -10.92 -25.49 17.63
CA LEU B 147 -10.67 -24.32 18.46
C LEU B 147 -9.73 -24.82 19.57
N VAL B 148 -8.55 -24.22 19.62
CA VAL B 148 -7.49 -24.60 20.55
C VAL B 148 -7.43 -23.47 21.58
N LYS B 149 -8.06 -23.68 22.74
CA LYS B 149 -8.34 -22.57 23.64
C LYS B 149 -7.60 -22.69 24.97
N ASP B 150 -7.19 -21.54 25.50
CA ASP B 150 -6.73 -21.39 26.88
C ASP B 150 -5.39 -22.05 27.17
N TYR B 151 -4.37 -21.66 26.43
CA TYR B 151 -3.03 -22.21 26.61
C TYR B 151 -2.02 -21.12 26.83
N PHE B 152 -0.89 -21.49 27.41
CA PHE B 152 0.21 -20.58 27.63
C PHE B 152 1.47 -21.35 27.87
N PRO B 153 2.62 -20.90 27.32
CA PRO B 153 2.83 -19.81 26.38
C PRO B 153 2.54 -20.31 24.97
N GLU B 154 2.76 -19.43 23.99
CA GLU B 154 2.86 -19.87 22.61
C GLU B 154 4.14 -20.74 22.48
N PRO B 155 4.24 -21.57 21.42
CA PRO B 155 3.29 -21.78 20.36
C PRO B 155 2.56 -23.11 20.50
N VAL B 156 1.58 -23.28 19.62
CA VAL B 156 0.97 -24.61 19.39
CA VAL B 156 0.96 -24.61 19.40
C VAL B 156 1.12 -24.93 17.94
N THR B 157 1.29 -26.21 17.62
CA THR B 157 1.26 -26.64 16.23
C THR B 157 -0.06 -27.41 16.00
N VAL B 158 -0.63 -27.22 14.81
CA VAL B 158 -1.83 -27.94 14.42
C VAL B 158 -1.54 -28.52 13.05
N SER B 159 -1.78 -29.83 12.90
CA SER B 159 -1.85 -30.44 11.60
C SER B 159 -3.23 -31.14 11.47
N TRP B 160 -3.54 -31.57 10.25
CA TRP B 160 -4.76 -32.32 9.96
C TRP B 160 -4.40 -33.71 9.40
N ASN B 161 -5.06 -34.72 9.94
CA ASN B 161 -4.94 -36.12 9.47
C ASN B 161 -3.49 -36.53 9.45
N SER B 162 -2.82 -36.25 10.56
CA SER B 162 -1.43 -36.59 10.78
C SER B 162 -0.49 -36.04 9.73
N GLY B 163 -0.82 -34.88 9.17
CA GLY B 163 -0.04 -34.25 8.12
C GLY B 163 -0.44 -34.58 6.69
N ALA B 164 -1.38 -35.50 6.49
CA ALA B 164 -1.82 -35.87 5.14
C ALA B 164 -2.75 -34.86 4.49
N LEU B 165 -3.41 -34.02 5.29
CA LEU B 165 -4.35 -33.02 4.80
C LEU B 165 -3.73 -31.65 5.01
N THR B 166 -3.37 -31.02 3.89
CA THR B 166 -2.81 -29.69 3.89
C THR B 166 -3.55 -28.69 2.99
N SER B 167 -4.18 -29.15 1.90
N SER B 167 -4.18 -29.15 1.90
CA SER B 167 -4.92 -28.30 0.98
CA SER B 167 -4.92 -28.29 1.00
C SER B 167 -6.12 -27.70 1.72
C SER B 167 -6.12 -27.70 1.72
N GLY B 168 -6.25 -26.38 1.62
CA GLY B 168 -7.41 -25.70 2.20
C GLY B 168 -7.29 -25.44 3.68
N VAL B 169 -6.18 -25.79 4.32
CA VAL B 169 -6.02 -25.57 5.77
C VAL B 169 -5.64 -24.11 6.01
N HIS B 170 -6.28 -23.47 6.97
CA HIS B 170 -5.83 -22.18 7.50
C HIS B 170 -5.77 -22.28 9.02
N THR B 171 -4.58 -22.15 9.56
CA THR B 171 -4.34 -22.09 10.98
C THR B 171 -4.07 -20.62 11.32
N PHE B 172 -4.94 -20.04 12.13
CA PHE B 172 -4.91 -18.61 12.39
C PHE B 172 -3.88 -18.26 13.43
N PRO B 173 -3.39 -17.01 13.38
CA PRO B 173 -2.60 -16.53 14.47
C PRO B 173 -3.38 -16.58 15.77
N ALA B 174 -2.68 -16.92 16.85
CA ALA B 174 -3.34 -16.96 18.16
C ALA B 174 -3.71 -15.53 18.58
N VAL B 175 -4.77 -15.42 19.36
CA VAL B 175 -5.08 -14.17 20.04
C VAL B 175 -4.85 -14.35 21.52
N LEU B 176 -4.33 -13.30 22.14
CA LEU B 176 -4.17 -13.27 23.58
C LEU B 176 -5.48 -12.79 24.19
N GLN B 177 -6.08 -13.62 25.03
CA GLN B 177 -7.35 -13.28 25.65
C GLN B 177 -7.10 -12.43 26.92
N SER B 178 -8.17 -11.83 27.44
CA SER B 178 -7.97 -10.95 28.60
C SER B 178 -7.58 -11.77 29.85
N SER B 179 -7.80 -13.08 29.82
CA SER B 179 -7.27 -13.98 30.88
C SER B 179 -5.75 -14.12 30.88
N GLY B 180 -5.08 -13.66 29.82
CA GLY B 180 -3.66 -13.88 29.65
C GLY B 180 -3.31 -15.24 29.02
N LEU B 181 -4.31 -15.96 28.57
CA LEU B 181 -4.15 -17.22 27.83
C LEU B 181 -4.44 -17.00 26.34
N TYR B 182 -3.78 -17.78 25.53
CA TYR B 182 -4.00 -17.77 24.06
C TYR B 182 -5.15 -18.66 23.63
N SER B 183 -5.68 -18.33 22.44
CA SER B 183 -6.64 -19.14 21.79
C SER B 183 -6.41 -19.03 20.28
N LEU B 184 -6.56 -20.15 19.58
CA LEU B 184 -6.34 -20.19 18.15
C LEU B 184 -7.36 -21.07 17.52
N SER B 185 -7.71 -20.80 16.25
CA SER B 185 -8.54 -21.72 15.46
CA SER B 185 -8.54 -21.72 15.46
C SER B 185 -7.75 -22.23 14.27
N SER B 186 -8.04 -23.46 13.87
CA SER B 186 -7.50 -24.02 12.63
C SER B 186 -8.69 -24.57 11.86
N VAL B 187 -8.80 -24.24 10.58
CA VAL B 187 -9.95 -24.67 9.78
C VAL B 187 -9.49 -25.31 8.48
N VAL B 188 -10.39 -26.06 7.88
CA VAL B 188 -10.10 -26.68 6.58
C VAL B 188 -11.40 -26.75 5.81
N THR B 189 -11.34 -26.56 4.50
CA THR B 189 -12.50 -26.76 3.68
C THR B 189 -12.31 -28.04 2.90
N VAL B 190 -13.37 -28.82 2.85
CA VAL B 190 -13.37 -30.16 2.23
C VAL B 190 -14.66 -30.37 1.46
N PRO B 191 -14.67 -31.34 0.52
CA PRO B 191 -15.95 -31.64 -0.13
C PRO B 191 -17.00 -32.15 0.88
N SER B 192 -18.22 -31.62 0.81
CA SER B 192 -19.28 -32.06 1.73
CA SER B 192 -19.26 -32.06 1.75
C SER B 192 -19.53 -33.55 1.64
N SER B 193 -19.34 -34.15 0.45
CA SER B 193 -19.61 -35.59 0.30
C SER B 193 -18.54 -36.47 0.94
N SER B 194 -17.41 -35.89 1.38
CA SER B 194 -16.36 -36.65 2.08
CA SER B 194 -16.36 -36.65 2.08
C SER B 194 -16.68 -36.82 3.58
N LEU B 195 -17.63 -36.05 4.10
CA LEU B 195 -17.92 -36.03 5.54
C LEU B 195 -18.43 -37.36 6.06
N GLY B 196 -19.08 -38.16 5.21
CA GLY B 196 -19.52 -39.49 5.62
C GLY B 196 -18.47 -40.58 5.50
N THR B 197 -17.42 -40.36 4.72
CA THR B 197 -16.46 -41.42 4.44
C THR B 197 -15.10 -41.18 5.10
N GLN B 198 -14.61 -39.94 5.02
CA GLN B 198 -13.26 -39.60 5.44
C GLN B 198 -13.35 -39.11 6.87
N THR B 199 -12.34 -39.41 7.65
CA THR B 199 -12.23 -38.86 9.01
C THR B 199 -11.40 -37.59 8.95
N TYR B 200 -11.75 -36.61 9.79
CA TYR B 200 -10.98 -35.39 9.89
C TYR B 200 -10.56 -35.26 11.33
N ILE B 201 -9.26 -35.26 11.53
CA ILE B 201 -8.64 -35.19 12.87
C ILE B 201 -7.68 -34.02 12.89
N CYS B 202 -7.85 -33.12 13.85
CA CYS B 202 -6.82 -32.11 14.05
C CYS B 202 -5.86 -32.61 15.12
N ASN B 203 -4.58 -32.57 14.78
CA ASN B 203 -3.51 -32.97 15.67
C ASN B 203 -2.89 -31.74 16.30
N VAL B 204 -3.07 -31.59 17.60
CA VAL B 204 -2.64 -30.39 18.34
C VAL B 204 -1.49 -30.80 19.20
N ASN B 205 -0.40 -30.04 19.16
CA ASN B 205 0.72 -30.28 20.03
C ASN B 205 1.12 -28.95 20.67
N HIS B 206 1.00 -28.87 21.99
CA HIS B 206 1.53 -27.74 22.77
C HIS B 206 2.77 -28.24 23.50
N LYS B 207 3.93 -28.06 22.85
CA LYS B 207 5.18 -28.59 23.39
C LYS B 207 5.54 -28.04 24.76
N PRO B 208 5.27 -26.75 25.02
CA PRO B 208 5.61 -26.26 26.34
C PRO B 208 4.99 -26.98 27.50
N SER B 209 3.79 -27.55 27.34
CA SER B 209 3.14 -28.33 28.39
C SER B 209 3.12 -29.84 28.11
N ASN B 210 3.83 -30.26 27.08
CA ASN B 210 3.82 -31.68 26.63
C ASN B 210 2.40 -32.17 26.48
N THR B 211 1.55 -31.38 25.83
CA THR B 211 0.16 -31.73 25.62
C THR B 211 -0.05 -32.01 24.15
N LYS B 212 -0.38 -33.27 23.81
CA LYS B 212 -0.78 -33.65 22.45
C LYS B 212 -2.20 -34.18 22.53
N VAL B 213 -3.05 -33.69 21.64
CA VAL B 213 -4.45 -34.06 21.57
C VAL B 213 -4.80 -34.22 20.11
N ASP B 214 -5.45 -35.34 19.79
CA ASP B 214 -6.02 -35.55 18.46
C ASP B 214 -7.54 -35.43 18.61
N LYS B 215 -8.16 -34.49 17.90
CA LYS B 215 -9.58 -34.30 17.97
C LYS B 215 -10.27 -34.61 16.65
N LYS B 216 -11.21 -35.55 16.68
CA LYS B 216 -12.09 -35.80 15.55
C LYS B 216 -13.15 -34.73 15.44
N VAL B 217 -13.37 -34.27 14.21
CA VAL B 217 -14.39 -33.26 13.94
C VAL B 217 -15.36 -33.79 12.89
N GLU B 218 -16.64 -33.77 13.22
CA GLU B 218 -17.66 -34.30 12.31
C GLU B 218 -18.98 -33.56 12.46
N PRO B 219 -19.89 -33.74 11.49
CA PRO B 219 -21.24 -33.15 11.61
C PRO B 219 -21.92 -33.58 12.90
N LYS B 220 -22.59 -32.64 13.55
CA LYS B 220 -23.30 -32.92 14.80
C LYS B 220 -24.60 -33.62 14.44
N SER B 221 -24.94 -34.71 15.13
CA SER B 221 -26.12 -35.55 14.79
C SER B 221 -27.44 -34.83 14.40
N ASP C 1 19.71 5.36 -25.52
CA ASP C 1 19.37 6.34 -24.44
C ASP C 1 19.50 5.69 -23.08
N ILE C 2 19.79 6.49 -22.07
CA ILE C 2 19.91 5.97 -20.70
C ILE C 2 18.52 5.79 -20.11
N LEU C 3 18.28 4.61 -19.54
CA LEU C 3 17.05 4.29 -18.85
C LEU C 3 17.25 4.54 -17.37
N LEU C 4 16.32 5.27 -16.75
CA LEU C 4 16.36 5.50 -15.30
C LEU C 4 15.20 4.73 -14.69
N THR C 5 15.51 3.92 -13.69
CA THR C 5 14.51 3.10 -13.01
C THR C 5 14.34 3.62 -11.60
N GLN C 6 13.14 4.10 -11.31
CA GLN C 6 12.82 4.64 -9.99
C GLN C 6 12.08 3.61 -9.18
N SER C 7 12.44 3.51 -7.90
CA SER C 7 11.77 2.59 -7.00
C SER C 7 11.63 3.21 -5.63
N PRO C 8 10.56 2.81 -4.90
CA PRO C 8 9.44 2.01 -5.41
C PRO C 8 8.54 2.87 -6.30
N VAL C 9 7.58 2.26 -6.94
CA VAL C 9 6.56 3.00 -7.69
C VAL C 9 5.72 3.91 -6.78
N ILE C 10 5.31 3.36 -5.63
CA ILE C 10 4.58 4.10 -4.63
C ILE C 10 5.30 3.93 -3.31
N LEU C 11 5.61 5.06 -2.67
CA LEU C 11 6.30 5.09 -1.38
C LEU C 11 5.33 5.61 -0.35
N SER C 12 4.97 4.76 0.63
CA SER C 12 4.01 5.10 1.64
CA SER C 12 4.01 5.11 1.65
C SER C 12 4.72 5.25 3.00
N VAL C 13 4.62 6.43 3.60
CA VAL C 13 5.34 6.75 4.83
C VAL C 13 4.50 7.60 5.79
N SER C 14 4.94 7.67 7.06
CA SER C 14 4.26 8.50 8.04
C SER C 14 4.95 9.86 8.22
N PRO C 15 4.22 10.89 8.67
CA PRO C 15 4.85 12.19 8.88
C PRO C 15 5.98 12.13 9.90
N GLY C 16 7.01 12.92 9.69
CA GLY C 16 8.17 12.94 10.56
C GLY C 16 9.22 11.89 10.24
N GLU C 17 8.89 10.86 9.44
CA GLU C 17 9.88 9.86 9.06
C GLU C 17 10.89 10.38 8.04
N ARG C 18 12.07 9.76 8.03
CA ARG C 18 13.08 9.92 6.98
C ARG C 18 12.62 9.05 5.81
N VAL C 19 12.64 9.62 4.61
CA VAL C 19 12.19 8.93 3.41
C VAL C 19 13.29 8.97 2.34
N SER C 20 13.49 7.87 1.61
CA SER C 20 14.47 7.81 0.52
CA SER C 20 14.48 7.79 0.53
C SER C 20 13.85 7.25 -0.74
N PHE C 21 14.15 7.90 -1.86
CA PHE C 21 13.69 7.52 -3.21
C PHE C 21 14.91 7.01 -3.96
N SER C 22 14.74 5.91 -4.67
CA SER C 22 15.85 5.36 -5.46
CA SER C 22 15.84 5.33 -5.46
C SER C 22 15.68 5.65 -6.95
N CYS C 23 16.78 6.03 -7.59
CA CYS C 23 16.81 6.20 -9.03
C CYS C 23 18.07 5.51 -9.54
N ARG C 24 17.92 4.51 -10.40
CA ARG C 24 19.06 3.72 -10.86
C ARG C 24 19.20 3.83 -12.38
N ALA C 25 20.42 4.17 -12.83
CA ALA C 25 20.67 4.37 -14.25
C ALA C 25 21.19 3.09 -14.89
N SER C 26 20.86 2.90 -16.17
CA SER C 26 21.23 1.71 -16.93
C SER C 26 22.73 1.62 -17.24
N GLN C 27 23.42 2.75 -17.17
CA GLN C 27 24.89 2.75 -17.13
C GLN C 27 25.37 3.93 -16.31
N SER C 28 26.66 3.99 -16.05
CA SER C 28 27.19 5.04 -15.18
C SER C 28 26.96 6.43 -15.81
N ILE C 29 26.54 7.36 -14.98
CA ILE C 29 26.29 8.74 -15.37
C ILE C 29 27.00 9.72 -14.45
N GLY C 30 27.98 9.23 -13.67
CA GLY C 30 28.73 10.11 -12.77
C GLY C 30 27.82 10.65 -11.68
N THR C 31 27.75 11.95 -11.58
CA THR C 31 26.79 12.60 -10.70
C THR C 31 25.80 13.46 -11.44
N ASN C 32 25.58 13.15 -12.72
CA ASN C 32 24.77 13.98 -13.62
C ASN C 32 23.28 13.57 -13.52
N ILE C 33 22.75 13.80 -12.32
CA ILE C 33 21.33 13.52 -11.99
C ILE C 33 20.72 14.75 -11.33
N HIS C 34 19.50 15.08 -11.74
CA HIS C 34 18.75 16.17 -11.12
C HIS C 34 17.39 15.58 -10.69
N TRP C 35 16.82 16.16 -9.65
CA TRP C 35 15.55 15.68 -9.10
C TRP C 35 14.48 16.76 -9.10
N TYR C 36 13.23 16.33 -9.32
CA TYR C 36 12.09 17.21 -9.37
C TYR C 36 10.93 16.69 -8.51
N GLN C 37 10.20 17.64 -7.93
CA GLN C 37 8.90 17.38 -7.29
C GLN C 37 7.81 17.87 -8.25
N GLN C 38 6.73 17.09 -8.37
CA GLN C 38 5.56 17.57 -9.13
C GLN C 38 4.31 17.29 -8.31
N ARG C 39 3.72 18.37 -7.83
CA ARG C 39 2.46 18.30 -7.10
C ARG C 39 1.31 18.17 -8.06
N THR C 40 0.17 17.75 -7.53
CA THR C 40 -1.00 17.57 -8.38
C THR C 40 -1.33 18.85 -9.15
N ASN C 41 -1.53 18.70 -10.46
CA ASN C 41 -1.77 19.82 -11.39
C ASN C 41 -0.69 20.92 -11.39
N GLY C 42 0.52 20.56 -11.01
CA GLY C 42 1.61 21.53 -10.96
C GLY C 42 2.66 21.20 -11.99
N SER C 43 3.55 22.17 -12.21
CA SER C 43 4.73 21.95 -13.06
C SER C 43 5.83 21.31 -12.20
N PRO C 44 6.80 20.60 -12.83
CA PRO C 44 7.94 20.11 -12.07
C PRO C 44 8.69 21.23 -11.35
N ARG C 45 9.26 20.90 -10.20
CA ARG C 45 9.97 21.85 -9.39
C ARG C 45 11.34 21.23 -9.11
N LEU C 46 12.41 21.91 -9.55
CA LEU C 46 13.76 21.41 -9.32
C LEU C 46 14.15 21.44 -7.83
N LEU C 47 14.51 20.28 -7.29
CA LEU C 47 14.84 20.12 -5.88
C LEU C 47 16.35 20.09 -5.62
N ILE C 48 17.06 19.32 -6.46
CA ILE C 48 18.47 18.97 -6.26
C ILE C 48 19.07 18.88 -7.66
N LYS C 49 20.27 19.42 -7.84
CA LYS C 49 20.99 19.25 -9.11
C LYS C 49 22.32 18.55 -8.89
N TYR C 50 22.79 17.87 -9.92
CA TYR C 50 24.07 17.18 -9.89
C TYR C 50 24.25 16.32 -8.64
N ALA C 51 23.23 15.47 -8.43
CA ALA C 51 23.17 14.46 -7.38
C ALA C 51 22.97 14.96 -5.96
N ASP C 52 23.67 16.04 -5.56
CA ASP C 52 23.66 16.48 -4.18
C ASP C 52 23.67 17.98 -3.94
N GLU C 53 23.54 18.79 -4.98
CA GLU C 53 23.66 20.23 -4.82
C GLU C 53 22.33 20.88 -4.59
N SER C 54 22.31 21.80 -3.65
CA SER C 54 21.09 22.50 -3.24
CA SER C 54 21.11 22.52 -3.24
C SER C 54 20.63 23.54 -4.26
N ILE C 55 19.34 23.84 -4.20
CA ILE C 55 18.66 24.78 -5.07
C ILE C 55 18.06 25.85 -4.15
N ASP C 56 18.23 27.12 -4.52
CA ASP C 56 17.64 28.23 -3.77
C ASP C 56 16.14 28.07 -3.60
N GLY C 57 15.66 28.26 -2.37
CA GLY C 57 14.23 28.23 -2.08
C GLY C 57 13.69 26.85 -1.73
N ILE C 58 14.54 25.81 -1.78
CA ILE C 58 14.08 24.46 -1.47
C ILE C 58 14.36 24.18 -0.01
N PRO C 59 13.35 23.70 0.74
CA PRO C 59 13.57 23.43 2.17
C PRO C 59 14.75 22.49 2.42
N SER C 60 15.42 22.72 3.55
CA SER C 60 16.63 22.00 3.90
C SER C 60 16.41 20.50 4.10
N ARG C 61 15.16 20.07 4.37
CA ARG C 61 14.88 18.66 4.54
C ARG C 61 15.18 17.80 3.31
N PHE C 62 15.22 18.43 2.12
CA PHE C 62 15.56 17.73 0.88
C PHE C 62 17.08 17.66 0.69
N SER C 63 17.58 16.48 0.39
CA SER C 63 18.99 16.31 0.02
C SER C 63 19.09 15.14 -0.93
N GLY C 64 20.22 15.04 -1.62
CA GLY C 64 20.47 13.95 -2.52
C GLY C 64 21.86 13.36 -2.35
N SER C 65 22.04 12.13 -2.80
CA SER C 65 23.32 11.45 -2.75
C SER C 65 23.45 10.42 -3.85
N GLY C 66 24.69 9.99 -4.08
CA GLY C 66 24.99 8.95 -5.02
C GLY C 66 25.96 9.36 -6.12
N SER C 67 26.54 8.34 -6.75
CA SER C 67 27.47 8.53 -7.86
CA SER C 67 27.44 8.54 -7.91
C SER C 67 27.58 7.22 -8.63
N GLY C 68 27.63 7.28 -9.95
CA GLY C 68 27.72 6.08 -10.78
C GLY C 68 26.37 5.71 -11.36
N THR C 69 25.74 4.70 -10.78
CA THR C 69 24.41 4.27 -11.26
C THR C 69 23.29 4.40 -10.23
N ASP C 70 23.62 4.50 -8.94
CA ASP C 70 22.58 4.39 -7.89
C ASP C 70 22.47 5.71 -7.13
N PHE C 71 21.29 6.35 -7.23
CA PHE C 71 21.07 7.67 -6.66
C PHE C 71 19.90 7.65 -5.68
N THR C 72 19.97 8.58 -4.74
CA THR C 72 18.99 8.68 -3.68
C THR C 72 18.56 10.10 -3.46
N LEU C 73 17.25 10.33 -3.41
CA LEU C 73 16.71 11.61 -2.93
C LEU C 73 16.18 11.35 -1.53
N SER C 74 16.51 12.21 -0.58
CA SER C 74 16.10 12.04 0.79
C SER C 74 15.30 13.21 1.31
N ILE C 75 14.25 12.91 2.08
CA ILE C 75 13.54 13.90 2.86
C ILE C 75 13.73 13.49 4.32
N ASN C 76 14.37 14.33 5.12
CA ASN C 76 14.82 13.83 6.43
C ASN C 76 13.71 13.68 7.46
N SER C 77 12.68 14.56 7.36
CA SER C 77 11.48 14.49 8.18
C SER C 77 10.30 14.93 7.29
N VAL C 78 9.55 13.95 6.80
CA VAL C 78 8.54 14.22 5.76
C VAL C 78 7.32 14.96 6.33
N GLU C 79 6.77 15.86 5.54
CA GLU C 79 5.64 16.70 5.94
C GLU C 79 4.51 16.40 5.00
N SER C 80 3.28 16.69 5.44
CA SER C 80 2.11 16.41 4.64
C SER C 80 2.16 17.06 3.27
N GLU C 81 2.73 18.26 3.17
CA GLU C 81 2.77 18.98 1.91
C GLU C 81 3.82 18.40 0.92
N ASP C 82 4.57 17.41 1.36
CA ASP C 82 5.52 16.72 0.45
C ASP C 82 4.85 15.71 -0.46
N ILE C 83 3.54 15.45 -0.29
CA ILE C 83 2.79 14.59 -1.23
CA ILE C 83 2.86 14.55 -1.22
C ILE C 83 3.00 15.12 -2.64
N ALA C 84 3.41 14.24 -3.55
CA ALA C 84 3.79 14.60 -4.91
C ALA C 84 4.35 13.40 -5.60
N ASP C 85 4.56 13.55 -6.91
CA ASP C 85 5.37 12.64 -7.67
C ASP C 85 6.80 13.20 -7.68
N TYR C 86 7.79 12.32 -7.65
CA TYR C 86 9.20 12.71 -7.65
C TYR C 86 9.88 12.02 -8.81
N TYR C 87 10.65 12.80 -9.59
CA TYR C 87 11.31 12.31 -10.78
C TYR C 87 12.80 12.59 -10.73
N CYS C 88 13.57 11.66 -11.27
CA CYS C 88 14.99 11.89 -11.53
C CYS C 88 15.19 12.11 -13.02
N GLN C 89 16.29 12.80 -13.36
CA GLN C 89 16.66 13.13 -14.72
C GLN C 89 18.17 12.95 -14.81
N GLN C 90 18.64 12.32 -15.87
CA GLN C 90 20.10 12.24 -16.12
C GLN C 90 20.43 13.13 -17.27
N ASN C 91 21.64 13.69 -17.26
CA ASN C 91 22.15 14.35 -18.45
C ASN C 91 23.63 14.12 -18.67
N ASN C 92 24.14 12.94 -18.28
CA ASN C 92 25.51 12.58 -18.70
C ASN C 92 25.55 12.29 -20.22
N ASN C 93 24.42 11.78 -20.75
CA ASN C 93 24.35 11.27 -22.13
CA ASN C 93 24.36 11.29 -22.14
C ASN C 93 23.15 11.85 -22.85
N TRP C 94 23.36 12.38 -24.06
CA TRP C 94 22.28 12.93 -24.87
C TRP C 94 21.44 11.78 -25.43
N PRO C 95 20.11 11.90 -25.43
CA PRO C 95 19.30 13.00 -24.89
C PRO C 95 19.06 12.84 -23.40
N THR C 96 18.85 13.96 -22.72
CA THR C 96 18.46 13.94 -21.34
C THR C 96 17.16 13.08 -21.21
N THR C 97 17.11 12.28 -20.17
CA THR C 97 16.00 11.35 -19.94
C THR C 97 15.59 11.42 -18.50
N PHE C 98 14.33 11.03 -18.26
CA PHE C 98 13.73 11.09 -16.94
C PHE C 98 13.23 9.71 -16.53
N GLY C 99 13.24 9.44 -15.22
CA GLY C 99 12.61 8.25 -14.66
C GLY C 99 11.08 8.35 -14.72
N ALA C 100 10.42 7.25 -14.38
CA ALA C 100 8.94 7.16 -14.51
C ALA C 100 8.23 7.68 -13.28
N GLY C 101 8.98 7.99 -12.23
CA GLY C 101 8.46 8.64 -11.06
C GLY C 101 8.19 7.69 -9.90
N THR C 102 8.32 8.23 -8.70
CA THR C 102 7.81 7.60 -7.48
C THR C 102 6.75 8.54 -6.92
N LYS C 103 5.59 7.98 -6.59
CA LYS C 103 4.55 8.76 -5.92
C LYS C 103 4.71 8.62 -4.41
N LEU C 104 4.76 9.73 -3.68
CA LEU C 104 4.81 9.72 -2.22
C LEU C 104 3.42 9.85 -1.66
N GLU C 105 3.03 8.86 -0.85
CA GLU C 105 1.75 8.83 -0.14
C GLU C 105 2.03 8.92 1.34
N LEU C 106 1.18 9.62 2.06
CA LEU C 106 1.33 9.82 3.48
C LEU C 106 0.26 9.08 4.26
N LYS C 107 0.71 8.38 5.30
CA LYS C 107 -0.24 7.68 6.17
C LYS C 107 -0.77 8.68 7.18
N ARG C 108 -1.97 8.38 7.66
CA ARG C 108 -2.57 9.13 8.74
C ARG C 108 -3.58 8.20 9.40
N THR C 109 -4.22 8.68 10.46
CA THR C 109 -5.22 7.89 11.13
C THR C 109 -6.48 7.75 10.30
N VAL C 110 -7.27 6.73 10.61
CA VAL C 110 -8.55 6.52 9.92
C VAL C 110 -9.43 7.74 10.15
N ALA C 111 -10.09 8.20 9.08
CA ALA C 111 -11.08 9.27 9.18
C ALA C 111 -12.27 8.94 8.33
N ALA C 112 -13.45 8.95 8.95
CA ALA C 112 -14.70 8.66 8.28
C ALA C 112 -15.09 9.80 7.35
N PRO C 113 -15.70 9.47 6.18
CA PRO C 113 -16.19 10.57 5.33
C PRO C 113 -17.39 11.27 5.90
N SER C 114 -17.51 12.58 5.65
CA SER C 114 -18.77 13.29 5.81
CA SER C 114 -18.80 13.24 5.83
C SER C 114 -19.49 13.19 4.46
N VAL C 115 -20.76 12.84 4.48
CA VAL C 115 -21.49 12.47 3.25
C VAL C 115 -22.57 13.49 2.97
N PHE C 116 -22.74 13.88 1.70
CA PHE C 116 -23.76 14.83 1.31
C PHE C 116 -24.36 14.34 0.00
N ILE C 117 -25.68 14.47 -0.14
CA ILE C 117 -26.34 14.15 -1.41
C ILE C 117 -26.93 15.40 -2.06
N PHE C 118 -26.87 15.47 -3.39
CA PHE C 118 -27.39 16.61 -4.13
C PHE C 118 -28.37 16.17 -5.20
N PRO C 119 -29.62 16.67 -5.14
CA PRO C 119 -30.54 16.38 -6.22
C PRO C 119 -30.15 17.04 -7.51
N PRO C 120 -30.73 16.57 -8.61
CA PRO C 120 -30.54 17.28 -9.86
C PRO C 120 -31.21 18.65 -9.81
N SER C 121 -30.63 19.61 -10.50
CA SER C 121 -31.25 20.93 -10.65
C SER C 121 -32.43 20.87 -11.58
N ASP C 122 -33.41 21.75 -11.38
CA ASP C 122 -34.50 21.88 -12.33
C ASP C 122 -33.98 22.31 -13.71
N GLU C 123 -32.92 23.13 -13.71
CA GLU C 123 -32.29 23.57 -14.95
C GLU C 123 -31.80 22.37 -15.77
N GLN C 124 -31.12 21.43 -15.14
CA GLN C 124 -30.68 20.25 -15.86
C GLN C 124 -31.86 19.39 -16.36
N LEU C 125 -32.87 19.21 -15.53
CA LEU C 125 -34.00 18.35 -15.90
C LEU C 125 -34.67 18.80 -17.21
N LYS C 126 -34.62 20.10 -17.50
CA LYS C 126 -35.06 20.62 -18.82
C LYS C 126 -34.34 20.00 -20.00
N SER C 127 -33.07 19.65 -19.81
CA SER C 127 -32.23 19.00 -20.81
C SER C 127 -32.63 17.53 -21.09
N GLY C 128 -33.45 16.93 -20.22
CA GLY C 128 -33.81 15.50 -20.36
C GLY C 128 -33.00 14.49 -19.55
N THR C 129 -32.11 15.00 -18.71
CA THR C 129 -31.16 14.16 -17.94
C THR C 129 -31.16 14.64 -16.50
N ALA C 130 -31.01 13.71 -15.56
CA ALA C 130 -30.87 14.01 -14.14
C ALA C 130 -29.55 13.46 -13.64
N SER C 131 -28.67 14.31 -13.15
CA SER C 131 -27.47 13.90 -12.44
C SER C 131 -27.70 14.07 -10.94
N VAL C 132 -27.49 13.00 -10.20
CA VAL C 132 -27.60 12.98 -8.77
C VAL C 132 -26.19 12.78 -8.23
N VAL C 133 -25.75 13.60 -7.27
CA VAL C 133 -24.36 13.57 -6.85
C VAL C 133 -24.25 13.27 -5.37
N CYS C 134 -23.30 12.39 -5.04
CA CYS C 134 -23.00 12.04 -3.67
C CYS C 134 -21.55 12.40 -3.40
N LEU C 135 -21.30 13.18 -2.33
CA LEU C 135 -19.98 13.61 -1.97
C LEU C 135 -19.57 12.93 -0.67
N LEU C 136 -18.36 12.39 -0.65
CA LEU C 136 -17.70 11.80 0.52
C LEU C 136 -16.52 12.67 0.77
N ASN C 137 -16.57 13.43 1.86
CA ASN C 137 -15.59 14.44 2.10
C ASN C 137 -14.57 14.06 3.21
N ASN C 138 -13.29 14.26 2.88
CA ASN C 138 -12.17 14.22 3.82
CA ASN C 138 -12.14 14.21 3.79
C ASN C 138 -12.08 12.93 4.64
N PHE C 139 -11.77 11.85 3.96
CA PHE C 139 -11.69 10.53 4.61
C PHE C 139 -10.35 9.87 4.37
N TYR C 140 -10.08 8.81 5.13
CA TYR C 140 -8.86 8.06 4.97
C TYR C 140 -9.11 6.70 5.65
N PRO C 141 -8.71 5.59 5.01
CA PRO C 141 -7.94 5.46 3.78
C PRO C 141 -8.83 5.69 2.55
N ARG C 142 -8.22 5.58 1.38
CA ARG C 142 -8.87 5.91 0.11
C ARG C 142 -10.03 5.02 -0.27
N GLU C 143 -10.00 3.76 0.14
CA GLU C 143 -11.05 2.82 -0.23
C GLU C 143 -12.36 3.16 0.44
N ALA C 144 -13.41 3.28 -0.35
CA ALA C 144 -14.76 3.55 0.14
C ALA C 144 -15.71 2.99 -0.90
N LYS C 145 -16.90 2.64 -0.48
CA LYS C 145 -17.92 2.13 -1.37
C LYS C 145 -19.16 3.01 -1.30
N VAL C 146 -19.60 3.45 -2.49
CA VAL C 146 -20.84 4.17 -2.64
C VAL C 146 -21.80 3.26 -3.38
N GLN C 147 -22.99 3.07 -2.80
CA GLN C 147 -24.06 2.37 -3.48
C GLN C 147 -25.22 3.29 -3.65
N TRP C 148 -25.76 3.36 -4.86
CA TRP C 148 -26.95 4.16 -5.11
C TRP C 148 -28.18 3.28 -5.07
N LYS C 149 -29.23 3.76 -4.42
CA LYS C 149 -30.52 3.06 -4.41
C LYS C 149 -31.60 4.02 -4.80
N VAL C 150 -32.47 3.59 -5.70
CA VAL C 150 -33.62 4.38 -6.16
C VAL C 150 -34.86 3.56 -5.85
N ASP C 151 -35.72 4.08 -4.97
CA ASP C 151 -36.81 3.27 -4.40
C ASP C 151 -36.35 1.84 -4.03
N ASN C 152 -35.21 1.78 -3.35
CA ASN C 152 -34.61 0.54 -2.85
CA ASN C 152 -34.58 0.56 -2.83
C ASN C 152 -34.04 -0.44 -3.89
N ALA C 153 -34.01 -0.03 -5.16
CA ALA C 153 -33.34 -0.77 -6.21
C ALA C 153 -31.88 -0.36 -6.27
N LEU C 154 -30.99 -1.31 -6.16
CA LEU C 154 -29.57 -1.06 -6.31
C LEU C 154 -29.28 -0.64 -7.75
N GLN C 155 -28.58 0.48 -7.94
CA GLN C 155 -28.20 0.94 -9.28
C GLN C 155 -26.87 0.35 -9.69
N SER C 156 -26.77 -0.13 -10.93
CA SER C 156 -25.52 -0.68 -11.43
C SER C 156 -25.30 -0.24 -12.86
N GLY C 157 -24.13 0.32 -13.13
CA GLY C 157 -23.71 0.67 -14.50
C GLY C 157 -24.03 2.12 -14.89
N ASN C 158 -24.75 2.83 -14.03
CA ASN C 158 -25.19 4.20 -14.35
C ASN C 158 -24.58 5.23 -13.40
N SER C 159 -23.43 4.91 -12.81
CA SER C 159 -22.71 5.89 -11.95
C SER C 159 -21.25 5.91 -12.34
N GLN C 160 -20.63 7.06 -12.14
CA GLN C 160 -19.19 7.21 -12.26
C GLN C 160 -18.68 7.98 -11.05
N GLU C 161 -17.45 7.71 -10.68
CA GLU C 161 -16.86 8.46 -9.59
C GLU C 161 -15.46 8.89 -9.87
N SER C 162 -15.01 9.89 -9.11
CA SER C 162 -13.61 10.20 -9.08
C SER C 162 -13.18 10.65 -7.68
N VAL C 163 -11.89 10.57 -7.48
CA VAL C 163 -11.30 10.76 -6.15
C VAL C 163 -10.19 11.78 -6.29
N THR C 164 -10.13 12.70 -5.34
CA THR C 164 -9.05 13.69 -5.34
C THR C 164 -7.73 13.03 -4.94
N GLU C 165 -6.66 13.71 -5.27
CA GLU C 165 -5.33 13.41 -4.70
C GLU C 165 -5.35 13.68 -3.18
N GLN C 166 -4.40 13.13 -2.43
CA GLN C 166 -4.34 13.40 -1.02
C GLN C 166 -4.21 14.87 -0.69
N ASP C 167 -4.91 15.32 0.32
CA ASP C 167 -4.90 16.72 0.68
C ASP C 167 -3.54 17.08 1.30
N SER C 168 -2.97 18.20 0.88
CA SER C 168 -1.63 18.59 1.31
C SER C 168 -1.54 18.96 2.79
N LYS C 169 -2.66 19.31 3.41
CA LYS C 169 -2.69 19.67 4.81
C LYS C 169 -3.11 18.55 5.73
N ASP C 170 -4.19 17.84 5.40
CA ASP C 170 -4.74 16.82 6.32
C ASP C 170 -4.57 15.38 5.82
N SER C 171 -3.97 15.18 4.66
CA SER C 171 -3.68 13.84 4.10
C SER C 171 -4.92 13.01 3.79
N THR C 172 -6.10 13.63 3.71
CA THR C 172 -7.32 12.88 3.37
C THR C 172 -7.61 12.91 1.86
N TYR C 173 -8.57 12.08 1.48
CA TYR C 173 -9.16 12.03 0.15
C TYR C 173 -10.61 12.49 0.21
N SER C 174 -11.13 12.92 -0.94
CA SER C 174 -12.56 13.09 -1.09
C SER C 174 -12.98 12.40 -2.39
N LEU C 175 -14.25 12.05 -2.48
CA LEU C 175 -14.80 11.30 -3.61
C LEU C 175 -16.15 11.88 -3.99
N SER C 176 -16.39 11.94 -5.31
CA SER C 176 -17.65 12.41 -5.86
C SER C 176 -18.18 11.30 -6.75
N SER C 177 -19.42 10.90 -6.55
CA SER C 177 -20.08 9.90 -7.39
C SER C 177 -21.30 10.52 -8.02
N THR C 178 -21.44 10.35 -9.34
CA THR C 178 -22.58 10.87 -10.06
C THR C 178 -23.40 9.69 -10.59
N LEU C 179 -24.66 9.68 -10.21
CA LEU C 179 -25.69 8.78 -10.76
C LEU C 179 -26.42 9.54 -11.85
N THR C 180 -26.46 8.97 -13.05
CA THR C 180 -27.10 9.66 -14.18
C THR C 180 -28.32 8.85 -14.65
N LEU C 181 -29.47 9.52 -14.67
CA LEU C 181 -30.70 8.92 -15.12
C LEU C 181 -31.32 9.80 -16.17
N SER C 182 -32.15 9.21 -17.03
CA SER C 182 -33.02 10.04 -17.88
C SER C 182 -34.04 10.77 -17.01
N LYS C 183 -34.54 11.90 -17.51
CA LYS C 183 -35.61 12.62 -16.83
C LYS C 183 -36.79 11.68 -16.59
N ALA C 184 -37.15 10.90 -17.61
CA ALA C 184 -38.28 9.99 -17.51
C ALA C 184 -38.15 9.02 -16.35
N ASP C 185 -36.98 8.38 -16.23
CA ASP C 185 -36.72 7.45 -15.13
C ASP C 185 -36.72 8.19 -13.79
N TYR C 186 -36.10 9.38 -13.75
CA TYR C 186 -36.01 10.15 -12.51
C TYR C 186 -37.43 10.49 -11.98
N GLU C 187 -38.30 10.89 -12.88
CA GLU C 187 -39.67 11.30 -12.49
CA GLU C 187 -39.68 11.29 -12.53
C GLU C 187 -40.57 10.12 -12.12
N LYS C 188 -40.16 8.89 -12.45
CA LYS C 188 -40.90 7.69 -12.04
C LYS C 188 -40.59 7.18 -10.65
N HIS C 189 -39.63 7.77 -9.96
CA HIS C 189 -39.22 7.27 -8.68
C HIS C 189 -39.16 8.39 -7.64
N LYS C 190 -39.19 7.99 -6.38
CA LYS C 190 -39.35 8.93 -5.28
C LYS C 190 -38.09 9.06 -4.44
N VAL C 191 -37.61 7.92 -3.93
CA VAL C 191 -36.54 7.94 -2.93
C VAL C 191 -35.17 7.70 -3.58
N TYR C 192 -34.32 8.72 -3.46
CA TYR C 192 -32.94 8.70 -3.98
C TYR C 192 -31.98 8.66 -2.83
N ALA C 193 -31.16 7.61 -2.75
CA ALA C 193 -30.26 7.39 -1.61
C ALA C 193 -28.84 7.00 -2.03
N CYS C 194 -27.86 7.56 -1.33
CA CYS C 194 -26.47 7.20 -1.46
CA CYS C 194 -26.49 7.06 -1.48
C CYS C 194 -26.07 6.52 -0.14
N GLU C 195 -25.59 5.29 -0.20
CA GLU C 195 -25.18 4.57 1.00
C GLU C 195 -23.69 4.37 0.95
N VAL C 196 -23.00 4.76 2.02
CA VAL C 196 -21.58 4.80 2.04
C VAL C 196 -21.05 3.83 3.09
N THR C 197 -20.15 2.98 2.63
CA THR C 197 -19.38 2.10 3.51
CA THR C 197 -19.41 2.08 3.50
C THR C 197 -17.93 2.47 3.52
N HIS C 198 -17.34 2.52 4.72
CA HIS C 198 -15.98 2.92 4.86
C HIS C 198 -15.49 2.37 6.20
N GLN C 199 -14.21 2.09 6.25
CA GLN C 199 -13.58 1.54 7.46
C GLN C 199 -13.83 2.39 8.73
N GLY C 200 -13.86 3.69 8.56
CA GLY C 200 -14.10 4.63 9.64
C GLY C 200 -15.52 4.77 10.16
N LEU C 201 -16.48 4.14 9.48
CA LEU C 201 -17.89 4.20 9.86
C LEU C 201 -18.23 2.85 10.50
N SER C 202 -18.83 2.85 11.69
CA SER C 202 -19.17 1.58 12.34
C SER C 202 -20.33 0.87 11.61
N SER C 203 -21.22 1.65 11.00
CA SER C 203 -22.23 1.09 10.12
C SER C 203 -22.42 2.06 8.93
N PRO C 204 -23.01 1.59 7.84
CA PRO C 204 -23.05 2.47 6.65
C PRO C 204 -23.83 3.74 6.91
N VAL C 205 -23.45 4.82 6.23
CA VAL C 205 -24.20 6.07 6.32
C VAL C 205 -25.03 6.22 5.06
N THR C 206 -26.30 6.54 5.20
CA THR C 206 -27.16 6.81 4.06
C THR C 206 -27.63 8.24 4.07
N LYS C 207 -27.46 8.95 2.96
CA LYS C 207 -28.06 10.26 2.77
C LYS C 207 -29.06 10.10 1.64
N SER C 208 -30.24 10.70 1.79
CA SER C 208 -31.30 10.55 0.83
C SER C 208 -32.15 11.81 0.68
N PHE C 209 -32.87 11.90 -0.43
CA PHE C 209 -33.94 12.88 -0.58
C PHE C 209 -35.12 12.23 -1.28
N ASN C 210 -36.31 12.81 -1.11
CA ASN C 210 -37.48 12.42 -1.89
C ASN C 210 -37.69 13.43 -3.00
N ARG C 211 -37.81 12.96 -4.23
CA ARG C 211 -38.04 13.84 -5.36
C ARG C 211 -39.31 14.67 -5.10
N GLY C 212 -39.20 15.97 -5.28
CA GLY C 212 -40.34 16.87 -5.12
C GLY C 212 -40.63 17.30 -3.68
N GLU C 213 -39.74 16.98 -2.73
CA GLU C 213 -39.83 17.46 -1.35
C GLU C 213 -38.59 18.23 -1.00
N GLN D 1 11.84 38.60 -11.84
CA GLN D 1 11.51 37.17 -11.60
C GLN D 1 11.27 36.45 -12.94
N VAL D 2 11.88 35.29 -13.05
CA VAL D 2 11.84 34.52 -14.27
C VAL D 2 10.46 33.87 -14.37
N GLN D 3 9.79 34.07 -15.51
CA GLN D 3 8.53 33.39 -15.79
C GLN D 3 8.46 32.98 -17.25
N LEU D 4 7.75 31.87 -17.49
CA LEU D 4 7.44 31.37 -18.80
C LEU D 4 5.92 31.12 -18.79
N LYS D 5 5.23 31.69 -19.77
CA LYS D 5 3.77 31.67 -19.84
C LYS D 5 3.38 31.15 -21.20
N GLN D 6 2.60 30.08 -21.22
CA GLN D 6 2.28 29.39 -22.44
C GLN D 6 0.87 29.72 -22.89
N SER D 7 0.66 29.56 -24.19
CA SER D 7 -0.67 29.69 -24.78
C SER D 7 -1.61 28.59 -24.26
N GLY D 8 -2.90 28.78 -24.51
CA GLY D 8 -3.89 27.94 -23.88
C GLY D 8 -4.09 26.55 -24.46
N PRO D 9 -4.82 25.71 -23.70
CA PRO D 9 -5.08 24.34 -24.11
C PRO D 9 -6.06 24.27 -25.27
N GLY D 10 -6.05 23.14 -25.95
CA GLY D 10 -7.03 22.90 -27.00
C GLY D 10 -6.81 21.61 -27.77
N LEU D 11 -7.71 21.42 -28.72
CA LEU D 11 -7.84 20.20 -29.46
C LEU D 11 -7.09 20.31 -30.80
N VAL D 12 -6.32 19.30 -31.19
CA VAL D 12 -5.72 19.17 -32.55
C VAL D 12 -6.29 17.91 -33.22
N GLN D 13 -6.67 18.00 -34.50
CA GLN D 13 -7.20 16.83 -35.17
C GLN D 13 -6.08 15.88 -35.58
N PRO D 14 -6.30 14.55 -35.58
CA PRO D 14 -5.26 13.62 -36.02
C PRO D 14 -4.70 13.95 -37.40
N SER D 15 -3.39 13.76 -37.54
CA SER D 15 -2.61 14.12 -38.73
C SER D 15 -2.36 15.63 -38.89
N GLN D 16 -2.91 16.49 -38.03
CA GLN D 16 -2.68 17.93 -38.16
C GLN D 16 -1.60 18.39 -37.17
N SER D 17 -1.31 19.69 -37.15
CA SER D 17 -0.20 20.23 -36.38
C SER D 17 -0.60 20.93 -35.07
N LEU D 18 0.36 20.98 -34.15
CA LEU D 18 0.25 21.63 -32.86
C LEU D 18 1.16 22.86 -32.89
N SER D 19 0.67 24.00 -32.45
CA SER D 19 1.46 25.22 -32.31
CA SER D 19 1.46 25.21 -32.32
C SER D 19 1.26 25.79 -30.92
N ILE D 20 2.36 26.01 -30.19
CA ILE D 20 2.31 26.58 -28.84
C ILE D 20 3.30 27.74 -28.76
N THR D 21 2.89 28.82 -28.11
CA THR D 21 3.76 29.94 -27.84
C THR D 21 4.13 29.98 -26.36
N CYS D 22 5.44 30.16 -26.09
CA CYS D 22 5.97 30.35 -24.75
C CYS D 22 6.52 31.76 -24.67
N THR D 23 5.91 32.59 -23.82
CA THR D 23 6.31 34.00 -23.68
C THR D 23 7.06 34.13 -22.37
N VAL D 24 8.32 34.57 -22.46
CA VAL D 24 9.18 34.61 -21.28
C VAL D 24 9.34 36.02 -20.76
N SER D 25 9.66 36.13 -19.48
CA SER D 25 9.98 37.41 -18.87
C SER D 25 10.96 37.19 -17.74
N GLY D 26 11.65 38.27 -17.38
CA GLY D 26 12.66 38.25 -16.35
C GLY D 26 14.03 37.75 -16.82
N PHE D 27 14.16 37.49 -18.11
CA PHE D 27 15.44 37.20 -18.71
C PHE D 27 15.30 37.44 -20.20
N ASP D 28 16.43 37.52 -20.90
CA ASP D 28 16.42 37.70 -22.34
C ASP D 28 16.65 36.39 -23.07
N LEU D 29 15.90 36.14 -24.15
CA LEU D 29 16.06 34.93 -24.96
C LEU D 29 17.41 34.82 -25.64
N THR D 30 18.11 35.94 -25.81
CA THR D 30 19.46 35.91 -26.35
C THR D 30 20.47 35.35 -25.34
N ASP D 31 20.08 35.19 -24.07
CA ASP D 31 21.00 34.72 -23.03
C ASP D 31 20.75 33.29 -22.55
N TYR D 32 19.59 32.70 -22.86
CA TYR D 32 19.27 31.34 -22.41
C TYR D 32 18.58 30.53 -23.45
N GLY D 33 18.83 29.23 -23.43
CA GLY D 33 18.05 28.32 -24.26
C GLY D 33 16.67 28.14 -23.64
N VAL D 34 15.70 27.80 -24.47
CA VAL D 34 14.38 27.38 -23.98
C VAL D 34 14.13 25.98 -24.52
N HIS D 35 13.81 25.08 -23.58
CA HIS D 35 13.60 23.67 -23.84
C HIS D 35 12.11 23.32 -23.81
N TRP D 36 11.76 22.23 -24.45
CA TRP D 36 10.39 21.75 -24.46
C TRP D 36 10.38 20.31 -23.98
N VAL D 37 9.41 20.02 -23.10
CA VAL D 37 9.31 18.75 -22.42
C VAL D 37 7.81 18.42 -22.42
N ARG D 38 7.44 17.18 -22.71
CA ARG D 38 6.02 16.81 -22.55
C ARG D 38 5.82 15.69 -21.54
N GLN D 39 4.56 15.56 -21.10
CA GLN D 39 4.19 14.55 -20.14
C GLN D 39 2.86 13.92 -20.55
N SER D 40 2.93 12.66 -20.94
CA SER D 40 1.74 11.91 -21.41
C SER D 40 0.93 11.55 -20.17
N PRO D 41 -0.42 11.41 -20.32
CA PRO D 41 -1.31 11.20 -19.16
C PRO D 41 -0.82 10.05 -18.26
N GLY D 42 -0.71 10.32 -16.96
CA GLY D 42 -0.20 9.35 -15.98
C GLY D 42 1.24 8.86 -16.15
N LYS D 43 2.03 9.56 -16.97
CA LYS D 43 3.41 9.14 -17.29
C LYS D 43 4.48 10.14 -16.78
N GLY D 44 5.72 9.83 -17.11
CA GLY D 44 6.88 10.67 -16.81
C GLY D 44 7.10 11.69 -17.93
N LEU D 45 8.26 12.30 -17.87
CA LEU D 45 8.59 13.43 -18.70
C LEU D 45 9.44 12.95 -19.88
N GLU D 46 9.29 13.62 -21.04
CA GLU D 46 10.06 13.32 -22.22
C GLU D 46 10.58 14.65 -22.76
N TRP D 47 11.90 14.79 -22.88
CA TRP D 47 12.48 15.99 -23.48
C TRP D 47 12.35 15.94 -25.00
N LEU D 48 11.87 17.04 -25.59
CA LEU D 48 11.57 17.10 -27.01
C LEU D 48 12.63 17.84 -27.80
N GLY D 49 13.14 18.93 -27.24
CA GLY D 49 14.14 19.72 -27.95
C GLY D 49 14.36 21.06 -27.32
N VAL D 50 15.16 21.90 -27.99
CA VAL D 50 15.62 23.13 -27.41
C VAL D 50 15.93 24.12 -28.51
N ILE D 51 15.66 25.40 -28.25
CA ILE D 51 16.20 26.48 -29.08
C ILE D 51 17.19 27.26 -28.21
N TRP D 52 18.44 27.28 -28.67
CA TRP D 52 19.50 27.85 -27.88
C TRP D 52 19.56 29.38 -28.00
N SER D 53 20.34 29.99 -27.12
CA SER D 53 20.57 31.45 -27.10
C SER D 53 20.73 32.03 -28.50
N GLY D 54 21.65 31.44 -29.26
CA GLY D 54 21.98 31.96 -30.59
C GLY D 54 21.09 31.54 -31.75
N GLY D 55 20.05 30.74 -31.48
CA GLY D 55 19.10 30.31 -32.49
C GLY D 55 19.27 28.90 -33.01
N ASN D 56 20.37 28.22 -32.68
CA ASN D 56 20.52 26.79 -33.02
C ASN D 56 19.43 25.98 -32.33
N THR D 57 19.07 24.86 -32.95
CA THR D 57 18.12 23.93 -32.35
C THR D 57 18.69 22.53 -32.28
N ASP D 58 18.22 21.78 -31.28
CA ASP D 58 18.39 20.34 -31.23
C ASP D 58 16.99 19.73 -30.96
N TYR D 59 16.70 18.63 -31.65
CA TYR D 59 15.47 17.87 -31.45
C TYR D 59 15.81 16.44 -31.06
N ASN D 60 15.07 15.90 -30.12
CA ASN D 60 15.22 14.51 -29.73
C ASN D 60 14.86 13.64 -30.94
N THR D 61 15.53 12.50 -31.04
CA THR D 61 15.52 11.63 -32.21
C THR D 61 14.12 11.27 -32.76
N PRO D 62 13.16 10.92 -31.89
CA PRO D 62 11.79 10.67 -32.42
C PRO D 62 11.12 11.84 -33.12
N PHE D 63 11.64 13.06 -32.96
CA PHE D 63 10.93 14.26 -33.42
C PHE D 63 11.65 15.06 -34.48
N THR D 64 12.81 14.62 -34.93
CA THR D 64 13.64 15.45 -35.81
C THR D 64 12.92 15.86 -37.10
N SER D 65 12.09 15.00 -37.66
CA SER D 65 11.42 15.31 -38.93
C SER D 65 10.02 15.91 -38.73
N ARG D 66 9.55 16.05 -37.51
CA ARG D 66 8.24 16.69 -37.34
C ARG D 66 8.12 17.86 -36.38
N LEU D 67 9.24 18.27 -35.80
CA LEU D 67 9.22 19.32 -34.82
C LEU D 67 10.00 20.49 -35.36
N SER D 68 9.51 21.70 -35.17
CA SER D 68 10.33 22.89 -35.38
C SER D 68 10.14 23.84 -34.21
N ILE D 69 11.24 24.44 -33.77
CA ILE D 69 11.19 25.44 -32.73
C ILE D 69 11.85 26.69 -33.28
N ASN D 70 11.17 27.82 -33.17
CA ASN D 70 11.65 29.13 -33.61
C ASN D 70 11.43 30.12 -32.51
N LYS D 71 11.97 31.32 -32.63
CA LYS D 71 11.73 32.35 -31.64
C LYS D 71 11.82 33.76 -32.21
N ASP D 72 11.30 34.70 -31.43
CA ASP D 72 11.43 36.13 -31.67
C ASP D 72 11.98 36.74 -30.41
N ASN D 73 13.29 37.01 -30.42
CA ASN D 73 13.99 37.58 -29.25
C ASN D 73 13.38 38.91 -28.82
N SER D 74 13.05 39.77 -29.78
CA SER D 74 12.52 41.11 -29.46
C SER D 74 11.17 41.04 -28.76
N LYS D 75 10.38 40.01 -29.05
CA LYS D 75 9.08 39.79 -28.40
C LYS D 75 9.10 38.78 -27.24
N SER D 76 10.28 38.26 -26.89
CA SER D 76 10.42 37.27 -25.85
C SER D 76 9.49 36.07 -26.04
N GLN D 77 9.34 35.63 -27.29
CA GLN D 77 8.47 34.51 -27.62
C GLN D 77 9.22 33.36 -28.24
N VAL D 78 8.86 32.15 -27.84
CA VAL D 78 9.36 30.93 -28.45
C VAL D 78 8.17 30.18 -29.00
N PHE D 79 8.31 29.67 -30.23
CA PHE D 79 7.25 29.01 -30.95
C PHE D 79 7.59 27.55 -31.16
N PHE D 80 6.74 26.68 -30.62
CA PHE D 80 6.87 25.25 -30.77
C PHE D 80 5.85 24.83 -31.79
N LYS D 81 6.25 24.07 -32.79
CA LYS D 81 5.33 23.50 -33.77
C LYS D 81 5.68 22.03 -33.99
N MET D 82 4.68 21.15 -33.92
CA MET D 82 4.90 19.73 -34.20
C MET D 82 3.83 19.28 -35.18
N ASN D 83 4.24 18.56 -36.22
CA ASN D 83 3.33 18.16 -37.30
CA ASN D 83 3.29 18.17 -37.26
C ASN D 83 2.88 16.71 -37.12
N SER D 84 1.86 16.32 -37.88
CA SER D 84 1.41 14.93 -37.99
C SER D 84 1.06 14.26 -36.65
N LEU D 85 0.26 14.94 -35.85
CA LEU D 85 -0.07 14.41 -34.53
C LEU D 85 -0.96 13.18 -34.61
N GLN D 86 -0.70 12.21 -33.73
CA GLN D 86 -1.61 11.08 -33.55
C GLN D 86 -2.10 11.09 -32.11
N SER D 87 -3.04 10.19 -31.80
CA SER D 87 -3.63 10.07 -30.45
C SER D 87 -2.64 10.15 -29.33
N ASN D 88 -1.59 9.35 -29.45
CA ASN D 88 -0.57 9.24 -28.42
C ASN D 88 0.38 10.46 -28.30
N ASP D 89 0.15 11.54 -29.08
CA ASP D 89 0.76 12.86 -28.81
C ASP D 89 -0.05 13.74 -27.85
N THR D 90 -1.19 13.22 -27.38
CA THR D 90 -1.95 13.88 -26.32
C THR D 90 -1.08 13.91 -25.06
N ALA D 91 -0.90 15.12 -24.53
CA ALA D 91 0.05 15.36 -23.43
C ALA D 91 -0.04 16.78 -22.99
N ILE D 92 0.55 17.05 -21.81
CA ILE D 92 0.82 18.37 -21.37
C ILE D 92 2.21 18.71 -21.93
N TYR D 93 2.30 19.83 -22.65
CA TYR D 93 3.56 20.31 -23.24
C TYR D 93 4.05 21.46 -22.40
N TYR D 94 5.33 21.42 -21.99
CA TYR D 94 5.92 22.49 -21.20
C TYR D 94 7.10 23.13 -21.93
N CYS D 95 7.28 24.43 -21.73
CA CYS D 95 8.57 25.06 -21.99
C CYS D 95 9.30 25.22 -20.68
N ALA D 96 10.62 25.32 -20.75
CA ALA D 96 11.42 25.31 -19.54
C ALA D 96 12.74 26.01 -19.79
N ARG D 97 13.29 26.62 -18.75
CA ARG D 97 14.62 27.25 -18.81
C ARG D 97 15.53 26.65 -17.76
N ALA D 98 16.80 26.47 -18.14
CA ALA D 98 17.78 25.96 -17.21
C ALA D 98 18.36 27.03 -16.29
N LEU D 99 18.99 26.59 -15.23
CA LEU D 99 19.71 27.50 -14.36
C LEU D 99 20.82 28.23 -15.11
N THR D 100 21.53 27.53 -15.97
CA THR D 100 22.64 28.16 -16.71
CA THR D 100 22.71 28.05 -16.65
C THR D 100 22.41 28.02 -18.17
N TYR D 101 22.99 28.94 -18.94
CA TYR D 101 22.64 29.10 -20.37
C TYR D 101 22.76 27.84 -21.21
N TYR D 102 23.73 27.01 -20.87
CA TYR D 102 24.14 25.85 -21.67
C TYR D 102 23.66 24.51 -21.12
N ASP D 103 22.99 24.52 -19.96
CA ASP D 103 22.76 23.30 -19.21
C ASP D 103 21.28 22.92 -19.28
N TYR D 104 20.94 21.87 -18.53
CA TYR D 104 19.65 21.18 -18.64
C TYR D 104 19.03 20.94 -17.25
N GLU D 105 19.42 21.69 -16.23
CA GLU D 105 18.76 21.56 -14.95
C GLU D 105 17.63 22.61 -14.94
N PHE D 106 16.41 22.10 -15.06
CA PHE D 106 15.30 22.95 -15.41
C PHE D 106 14.69 23.58 -14.16
N ALA D 107 15.17 24.78 -13.86
CA ALA D 107 14.74 25.51 -12.66
C ALA D 107 13.45 26.26 -12.88
N TYR D 108 13.10 26.56 -14.14
CA TYR D 108 11.92 27.41 -14.43
C TYR D 108 11.07 26.71 -15.48
N TRP D 109 9.75 26.60 -15.21
CA TRP D 109 8.86 25.91 -16.12
C TRP D 109 7.64 26.76 -16.43
N GLY D 110 7.18 26.64 -17.66
CA GLY D 110 5.87 27.14 -18.04
C GLY D 110 4.78 26.39 -17.27
N GLN D 111 3.54 26.89 -17.38
CA GLN D 111 2.44 26.22 -16.67
C GLN D 111 1.91 24.96 -17.37
N GLY D 112 2.37 24.73 -18.60
CA GLY D 112 1.95 23.60 -19.39
C GLY D 112 0.76 23.95 -20.26
N THR D 113 0.68 23.28 -21.40
CA THR D 113 -0.42 23.39 -22.34
C THR D 113 -0.94 21.98 -22.59
N LEU D 114 -2.20 21.69 -22.19
CA LEU D 114 -2.77 20.40 -22.44
C LEU D 114 -3.27 20.39 -23.87
N VAL D 115 -2.68 19.50 -24.66
CA VAL D 115 -3.06 19.31 -26.07
C VAL D 115 -3.72 17.97 -26.20
N THR D 116 -4.97 17.96 -26.69
CA THR D 116 -5.67 16.73 -26.90
C THR D 116 -5.73 16.50 -28.42
N VAL D 117 -5.42 15.29 -28.83
CA VAL D 117 -5.49 14.90 -30.25
C VAL D 117 -6.67 13.99 -30.44
N SER D 118 -7.69 14.49 -31.12
CA SER D 118 -8.92 13.74 -31.30
C SER D 118 -9.69 14.29 -32.47
N ALA D 119 -10.41 13.40 -33.16
CA ALA D 119 -11.28 13.79 -34.24
C ALA D 119 -12.55 13.86 -33.44
N ALA D 120 -12.82 15.00 -32.87
CA ALA D 120 -14.08 15.33 -32.23
C ALA D 120 -14.17 16.84 -32.24
N SER D 121 -15.30 17.34 -31.80
CA SER D 121 -15.57 18.78 -31.81
C SER D 121 -15.30 19.33 -30.43
N THR D 122 -14.89 20.58 -30.36
CA THR D 122 -14.84 21.32 -29.11
C THR D 122 -16.27 21.60 -28.68
N LYS D 123 -16.58 21.40 -27.39
CA LYS D 123 -17.90 21.67 -26.85
C LYS D 123 -17.76 22.28 -25.46
N GLY D 124 -18.45 23.39 -25.23
CA GLY D 124 -18.45 24.04 -23.93
C GLY D 124 -19.41 23.37 -22.94
N PRO D 125 -19.13 23.51 -21.64
CA PRO D 125 -19.93 22.88 -20.62
C PRO D 125 -21.25 23.58 -20.31
N SER D 126 -22.18 22.83 -19.75
CA SER D 126 -23.27 23.38 -18.99
C SER D 126 -22.86 23.33 -17.54
N VAL D 127 -23.28 24.31 -16.74
CA VAL D 127 -22.91 24.37 -15.35
C VAL D 127 -24.18 24.32 -14.54
N PHE D 128 -24.30 23.33 -13.65
CA PHE D 128 -25.47 23.17 -12.81
C PHE D 128 -25.08 23.27 -11.34
N PRO D 129 -26.00 23.77 -10.51
CA PRO D 129 -25.73 23.86 -9.08
C PRO D 129 -25.88 22.55 -8.33
N LEU D 130 -24.99 22.36 -7.36
CA LEU D 130 -25.08 21.30 -6.36
C LEU D 130 -25.47 22.00 -5.10
N ALA D 131 -26.74 21.95 -4.79
CA ALA D 131 -27.24 22.60 -3.55
C ALA D 131 -27.89 21.53 -2.67
N PRO D 132 -27.79 21.60 -1.34
CA PRO D 132 -28.65 20.70 -0.52
C PRO D 132 -30.16 20.94 -0.75
N GLY D 140 -24.88 22.79 11.22
CA GLY D 140 -23.43 22.56 11.26
C GLY D 140 -22.77 22.97 9.93
N THR D 141 -22.23 21.99 9.22
CA THR D 141 -21.49 22.24 7.96
C THR D 141 -22.36 21.84 6.77
N ALA D 142 -22.38 22.67 5.76
CA ALA D 142 -23.11 22.36 4.53
C ALA D 142 -22.12 22.23 3.40
N ALA D 143 -22.48 21.45 2.40
CA ALA D 143 -21.70 21.35 1.20
C ALA D 143 -22.50 21.96 0.05
N LEU D 144 -21.77 22.60 -0.84
CA LEU D 144 -22.36 23.07 -2.08
CA LEU D 144 -22.28 23.29 -2.05
C LEU D 144 -21.35 22.92 -3.18
N GLY D 145 -21.81 23.03 -4.42
CA GLY D 145 -20.89 22.83 -5.50
C GLY D 145 -21.45 23.20 -6.86
N CYS D 146 -20.66 22.91 -7.89
CA CYS D 146 -21.04 23.06 -9.29
C CYS D 146 -20.68 21.79 -10.06
N LEU D 147 -21.62 21.36 -10.91
CA LEU D 147 -21.44 20.24 -11.80
C LEU D 147 -21.21 20.83 -13.17
N VAL D 148 -20.03 20.57 -13.73
CA VAL D 148 -19.57 21.11 -14.99
C VAL D 148 -19.66 19.97 -16.01
N LYS D 149 -20.74 19.96 -16.80
CA LYS D 149 -21.11 18.74 -17.54
C LYS D 149 -21.01 18.93 -19.03
N ASP D 150 -20.57 17.86 -19.71
CA ASP D 150 -20.67 17.70 -21.17
C ASP D 150 -19.77 18.66 -21.94
N TYR D 151 -18.47 18.58 -21.68
CA TYR D 151 -17.51 19.43 -22.37
C TYR D 151 -16.43 18.62 -22.99
N PHE D 152 -15.75 19.21 -23.96
CA PHE D 152 -14.62 18.57 -24.62
C PHE D 152 -13.79 19.62 -25.32
N PRO D 153 -12.44 19.50 -25.30
CA PRO D 153 -11.62 18.58 -24.55
C PRO D 153 -11.45 19.08 -23.12
N GLU D 154 -10.65 18.36 -22.34
CA GLU D 154 -10.10 18.90 -21.12
C GLU D 154 -9.15 20.07 -21.49
N PRO D 155 -8.86 20.97 -20.55
CA PRO D 155 -9.33 21.02 -19.19
C PRO D 155 -10.35 22.14 -18.98
N VAL D 156 -10.89 22.17 -17.76
CA VAL D 156 -11.68 23.30 -17.28
CA VAL D 156 -11.67 23.31 -17.29
C VAL D 156 -11.06 23.76 -15.98
N THR D 157 -11.12 25.06 -15.72
CA THR D 157 -10.69 25.56 -14.42
C THR D 157 -11.94 26.00 -13.65
N VAL D 158 -11.93 25.75 -12.34
CA VAL D 158 -13.01 26.18 -11.47
C VAL D 158 -12.34 26.88 -10.30
N SER D 159 -12.80 28.10 -9.98
CA SER D 159 -12.52 28.72 -8.73
C SER D 159 -13.83 29.07 -8.02
N TRP D 160 -13.71 29.47 -6.74
CA TRP D 160 -14.83 29.92 -5.94
C TRP D 160 -14.64 31.37 -5.50
N ASN D 161 -15.68 32.16 -5.70
CA ASN D 161 -15.69 33.59 -5.28
C ASN D 161 -14.48 34.31 -5.83
N SER D 162 -14.22 34.06 -7.11
CA SER D 162 -13.14 34.68 -7.85
C SER D 162 -11.76 34.45 -7.24
N GLY D 163 -11.59 33.30 -6.60
CA GLY D 163 -10.33 32.97 -5.90
C GLY D 163 -10.27 33.34 -4.44
N ALA D 164 -11.25 34.04 -3.91
CA ALA D 164 -11.26 34.40 -2.49
C ALA D 164 -11.58 33.24 -1.56
N LEU D 165 -12.26 32.20 -2.08
CA LEU D 165 -12.65 31.04 -1.29
C LEU D 165 -11.83 29.87 -1.79
N THR D 166 -10.90 29.42 -0.94
CA THR D 166 -10.08 28.27 -1.25
C THR D 166 -10.14 27.17 -0.17
N SER D 167 -10.35 27.54 1.09
CA SER D 167 -10.47 26.58 2.19
CA SER D 167 -10.42 26.54 2.14
C SER D 167 -11.66 25.67 1.97
N GLY D 168 -11.43 24.37 2.06
CA GLY D 168 -12.50 23.39 1.97
C GLY D 168 -12.95 23.08 0.52
N VAL D 169 -12.32 23.67 -0.48
CA VAL D 169 -12.67 23.42 -1.88
C VAL D 169 -12.05 22.10 -2.33
N HIS D 170 -12.83 21.26 -3.00
CA HIS D 170 -12.31 20.10 -3.70
C HIS D 170 -12.87 20.10 -5.12
N THR D 171 -11.99 20.23 -6.09
CA THR D 171 -12.32 20.12 -7.51
C THR D 171 -11.85 18.76 -7.97
N PHE D 172 -12.78 17.93 -8.40
CA PHE D 172 -12.48 16.52 -8.69
C PHE D 172 -11.88 16.37 -10.07
N PRO D 173 -11.15 15.25 -10.27
CA PRO D 173 -10.80 14.90 -11.63
C PRO D 173 -12.06 14.70 -12.48
N ALA D 174 -11.99 15.13 -13.72
CA ALA D 174 -13.11 14.90 -14.63
C ALA D 174 -13.27 13.41 -14.90
N VAL D 175 -14.49 13.00 -15.22
CA VAL D 175 -14.74 11.66 -15.76
C VAL D 175 -15.13 11.78 -17.20
N LEU D 176 -14.64 10.85 -18.01
CA LEU D 176 -15.05 10.73 -19.40
C LEU D 176 -16.31 9.91 -19.45
N GLN D 177 -17.39 10.50 -19.94
CA GLN D 177 -18.68 9.83 -20.02
C GLN D 177 -18.72 8.97 -21.30
N SER D 178 -19.71 8.08 -21.37
CA SER D 178 -19.78 7.20 -22.53
C SER D 178 -20.11 7.98 -23.81
N SER D 179 -20.64 9.19 -23.68
CA SER D 179 -20.85 10.10 -24.81
C SER D 179 -19.55 10.62 -25.43
N GLY D 180 -18.42 10.44 -24.76
CA GLY D 180 -17.15 11.02 -25.19
C GLY D 180 -16.95 12.46 -24.69
N LEU D 181 -17.85 12.95 -23.85
CA LEU D 181 -17.73 14.25 -23.20
C LEU D 181 -17.35 14.08 -21.73
N TYR D 182 -16.63 15.05 -21.22
CA TYR D 182 -16.26 15.09 -19.79
C TYR D 182 -17.32 15.70 -18.90
N SER D 183 -17.26 15.33 -17.61
CA SER D 183 -18.04 15.96 -16.59
C SER D 183 -17.17 16.04 -15.33
N LEU D 184 -17.26 17.16 -14.62
CA LEU D 184 -16.46 17.37 -13.43
C LEU D 184 -17.32 18.03 -12.38
N SER D 185 -17.04 17.74 -11.11
CA SER D 185 -17.69 18.46 -10.01
CA SER D 185 -17.69 18.47 -10.02
C SER D 185 -16.66 19.21 -9.20
N SER D 186 -17.07 20.35 -8.65
CA SER D 186 -16.26 21.10 -7.71
C SER D 186 -17.15 21.42 -6.54
N VAL D 187 -16.68 21.17 -5.32
CA VAL D 187 -17.48 21.37 -4.13
C VAL D 187 -16.73 22.20 -3.08
N VAL D 188 -17.48 22.74 -2.15
CA VAL D 188 -16.89 23.42 -0.99
C VAL D 188 -17.77 23.20 0.21
N THR D 189 -17.17 23.08 1.39
CA THR D 189 -17.93 22.97 2.60
C THR D 189 -17.82 24.29 3.36
N VAL D 190 -18.95 24.72 3.88
CA VAL D 190 -19.10 26.04 4.50
C VAL D 190 -20.03 25.92 5.70
N PRO D 191 -19.97 26.89 6.61
CA PRO D 191 -20.96 26.86 7.72
C PRO D 191 -22.41 26.98 7.19
N SER D 192 -23.32 26.14 7.68
CA SER D 192 -24.71 26.24 7.20
CA SER D 192 -24.74 26.21 7.26
C SER D 192 -25.31 27.61 7.48
N SER D 193 -24.88 28.28 8.55
CA SER D 193 -25.43 29.62 8.84
C SER D 193 -24.98 30.71 7.88
N SER D 194 -23.98 30.45 7.02
CA SER D 194 -23.52 31.41 6.02
CA SER D 194 -23.55 31.45 6.04
C SER D 194 -24.38 31.39 4.75
N LEU D 195 -25.21 30.36 4.59
CA LEU D 195 -25.99 30.16 3.34
C LEU D 195 -26.93 31.30 2.99
N GLY D 196 -27.45 31.99 3.99
CA GLY D 196 -28.32 33.17 3.69
C GLY D 196 -27.57 34.48 3.46
N THR D 197 -26.35 34.56 3.96
CA THR D 197 -25.62 35.80 4.08
C THR D 197 -24.47 35.94 3.10
N GLN D 198 -23.70 34.86 2.92
CA GLN D 198 -22.54 34.88 2.06
C GLN D 198 -22.99 34.36 0.71
N THR D 199 -22.49 34.95 -0.35
CA THR D 199 -22.77 34.47 -1.71
CA THR D 199 -22.80 34.46 -1.69
C THR D 199 -21.64 33.54 -2.12
N TYR D 200 -21.98 32.44 -2.80
CA TYR D 200 -21.02 31.47 -3.23
C TYR D 200 -21.20 31.32 -4.73
N ILE D 201 -20.13 31.63 -5.44
CA ILE D 201 -20.13 31.65 -6.89
C ILE D 201 -19.01 30.75 -7.39
N CYS D 202 -19.33 29.79 -8.25
CA CYS D 202 -18.28 29.05 -8.90
C CYS D 202 -17.98 29.70 -10.24
N ASN D 203 -16.69 29.95 -10.45
CA ASN D 203 -16.21 30.56 -11.67
C ASN D 203 -15.63 29.46 -12.56
N VAL D 204 -16.31 29.20 -13.69
CA VAL D 204 -15.93 28.11 -14.59
C VAL D 204 -15.37 28.72 -15.84
N ASN D 205 -14.20 28.26 -16.28
CA ASN D 205 -13.63 28.71 -17.54
C ASN D 205 -13.21 27.45 -18.33
N HIS D 206 -13.81 27.23 -19.49
CA HIS D 206 -13.38 26.20 -20.43
C HIS D 206 -12.70 26.94 -21.60
N LYS D 207 -11.38 27.08 -21.49
CA LYS D 207 -10.60 27.88 -22.45
C LYS D 207 -10.69 27.35 -23.86
N PRO D 208 -10.69 26.01 -24.05
CA PRO D 208 -10.80 25.54 -25.43
C PRO D 208 -12.01 26.02 -26.20
N SER D 209 -13.15 26.27 -25.54
CA SER D 209 -14.35 26.79 -26.20
C SER D 209 -14.64 28.26 -25.87
N ASN D 210 -13.72 28.93 -25.19
CA ASN D 210 -13.92 30.30 -24.70
C ASN D 210 -15.27 30.43 -23.99
N THR D 211 -15.56 29.48 -23.10
CA THR D 211 -16.79 29.49 -22.33
C THR D 211 -16.46 29.84 -20.89
N LYS D 212 -16.93 31.00 -20.42
CA LYS D 212 -16.82 31.39 -19.02
C LYS D 212 -18.22 31.57 -18.46
N VAL D 213 -18.45 31.02 -17.28
CA VAL D 213 -19.72 31.10 -16.58
C VAL D 213 -19.43 31.32 -15.12
N ASP D 214 -20.12 32.28 -14.51
CA ASP D 214 -20.12 32.46 -13.06
C ASP D 214 -21.48 32.04 -12.57
N LYS D 215 -21.53 31.02 -11.73
CA LYS D 215 -22.79 30.47 -11.26
C LYS D 215 -22.93 30.62 -9.76
N LYS D 216 -23.99 31.30 -9.34
CA LYS D 216 -24.34 31.35 -7.92
C LYS D 216 -25.01 30.06 -7.50
N VAL D 217 -24.59 29.55 -6.35
CA VAL D 217 -25.14 28.32 -5.80
C VAL D 217 -25.69 28.57 -4.41
N GLU D 218 -26.96 28.21 -4.21
CA GLU D 218 -27.61 28.39 -2.93
C GLU D 218 -28.72 27.34 -2.75
N PRO D 219 -29.23 27.20 -1.50
CA PRO D 219 -30.39 26.34 -1.27
C PRO D 219 -31.55 26.70 -2.19
N LYS D 220 -32.23 25.68 -2.72
CA LYS D 220 -33.44 25.87 -3.52
C LYS D 220 -34.57 26.19 -2.54
N SER D 221 -35.36 27.23 -2.81
CA SER D 221 -36.22 27.83 -1.75
C SER D 221 -37.17 26.85 -1.02
#